data_8OI2
#
_entry.id   8OI2
#
_cell.length_a   370.359
_cell.length_b   73.819
_cell.length_c   66.130
_cell.angle_alpha   90.00
_cell.angle_beta   96.90
_cell.angle_gamma   90.00
#
_symmetry.space_group_name_H-M   'C 1 2 1'
#
loop_
_entity.id
_entity.type
_entity.pdbx_description
1 polymer Albumin
2 polymer 'Alb1 Megabody'
#
loop_
_entity_poly.entity_id
_entity_poly.type
_entity_poly.pdbx_seq_one_letter_code
_entity_poly.pdbx_strand_id
1 'polypeptide(L)'
;HKSEVAHRFKDLGEENFKALVLIAFAQYLQQCPFEDHVKLVNEVTEFAKTCVADESAENCDKSLHTLFGDKLCTVATLRE
TYGEMADCCAKQEPERNECFLQHKDDNPNLPRLVRPEVDVMCTAFHDNEETFLKKYLYEIARRHPYFYAPELLFFAKRYK
AAFTECCQAADKAACLLPKLDELRDEGKASSAKQRLKCASLQKFGERAFKAWAVARLSQRFPKAEFAEVSKLVTDLTKVH
TECCHGDLLECADDRADLAKYICENQDSISSKLKECCEKPLLEKSHCIAEVENDEMPADLPSLAADFVESKDVCKNYAEA
KDVFLGMFLYEYARRHPDYSVVLLLRLAKTYETTLEKCCAAADPHECYAKVFDEFKPLVEEPQNLIKQNCELFEQLGEYK
FQNALLVRYTKKVPQVSTPTLVEVSRNLGKVGSKCCKHPEAKRMPCAEDYLSVVLNQLCVLHEKTPVSDRVTKCCTESLV
NRRPCFSALEVDETYVPKEFNAETFTFHADICTLSEKERQIKKQTALVELVKHKPKATKEQLKAVMDDFAAFVEKCCKAD
DKETCFAEEGKKLVAASQAAL
;
A
2 'polypeptide(L)'
;QVQLVESGGGLVQTKTTTSVIDTTNDAQNLLTQAQTIVNTLKDYCPILIAKSSSSNGGTNNANTPSWQTAGGGKNSCATF
GAEFSAASDMINNAQKIVQETQQLSANQPKNITQPHNLNLNSPSSLTALAQKMLKNAQSQAEILKLANQVESDFNKLSSG
HLKDYIGKCDASAISSANMTMQNQKNNWGNGCAGVEETQSLLKTSAADFNNQTPQINQAQNLANTLIQELGNNTYEQLSR
LLTNDNGTNSKTSAQAINQAVNNLNERAKTLAGGTTNSPAYQATLLALRSVLGLWNSMGYAVICGGYTKSPGENNQKDFH
YTDENGNGTTINCGGSTNSNGTHSYNGTNTLKADKNVSLSIEQYEKIHEAYQILSKALKQAGLAPLNSKGEKLEAHVTTS
KYGSLRLSCAASGFTFRSFGMSWVRQAPGKEPEWVSSISGSGSDTLYADSVKGRFTISRDNAKTTLYLQMNSLKPEDTAV
YYCTIGGSLSRSSQGTQVTVSSHHHHHHEPEA
;
B
#
# COMPACT_ATOMS: atom_id res chain seq x y z
N GLU A 4 -23.97 -30.88 47.26
CA GLU A 4 -22.84 -30.14 46.74
C GLU A 4 -22.11 -29.39 47.85
N VAL A 5 -22.79 -29.22 48.98
CA VAL A 5 -22.16 -28.57 50.14
C VAL A 5 -21.10 -29.45 50.77
N ALA A 6 -21.12 -30.75 50.47
CA ALA A 6 -20.14 -31.66 51.06
C ALA A 6 -18.73 -31.36 50.55
N HIS A 7 -18.54 -31.38 49.22
CA HIS A 7 -17.22 -31.13 48.66
C HIS A 7 -16.78 -29.69 48.89
N ARG A 8 -17.72 -28.77 49.05
CA ARG A 8 -17.36 -27.39 49.36
C ARG A 8 -16.90 -27.25 50.81
N PHE A 9 -17.54 -27.97 51.73
CA PHE A 9 -17.24 -27.82 53.15
C PHE A 9 -15.97 -28.56 53.55
N LYS A 10 -15.71 -29.71 52.93
CA LYS A 10 -14.50 -30.47 53.24
C LYS A 10 -13.24 -29.82 52.69
N ASP A 11 -13.37 -28.75 51.92
CA ASP A 11 -12.22 -28.04 51.37
C ASP A 11 -11.93 -26.81 52.23
N LEU A 12 -10.70 -26.71 52.72
CA LEU A 12 -10.16 -25.57 53.43
C LEU A 12 -10.76 -25.34 54.82
N GLY A 13 -11.53 -26.30 55.33
CA GLY A 13 -11.95 -26.27 56.72
C GLY A 13 -13.35 -25.71 56.94
N GLU A 14 -13.67 -25.55 58.22
CA GLU A 14 -14.97 -25.08 58.67
C GLU A 14 -15.02 -23.59 58.97
N GLU A 15 -13.88 -22.98 59.28
CA GLU A 15 -13.89 -21.61 59.78
C GLU A 15 -14.19 -20.60 58.67
N ASN A 16 -13.61 -20.79 57.49
CA ASN A 16 -13.72 -19.77 56.45
C ASN A 16 -15.12 -19.68 55.85
N PHE A 17 -15.87 -20.78 55.86
CA PHE A 17 -17.23 -20.74 55.32
C PHE A 17 -18.11 -19.79 56.11
N LYS A 18 -17.83 -19.63 57.41
CA LYS A 18 -18.58 -18.68 58.22
C LYS A 18 -18.38 -17.26 57.73
N ALA A 19 -17.11 -16.86 57.52
CA ALA A 19 -16.83 -15.52 57.04
C ALA A 19 -17.23 -15.33 55.57
N LEU A 20 -17.25 -16.42 54.80
CA LEU A 20 -17.68 -16.32 53.41
C LEU A 20 -19.16 -15.97 53.31
N VAL A 21 -19.99 -16.63 54.12
CA VAL A 21 -21.41 -16.30 54.17
C VAL A 21 -21.60 -14.88 54.68
N LEU A 22 -20.74 -14.44 55.60
CA LEU A 22 -20.84 -13.08 56.15
C LEU A 22 -20.68 -12.04 55.05
N ILE A 23 -19.50 -11.99 54.42
CA ILE A 23 -19.22 -11.01 53.39
C ILE A 23 -20.04 -11.22 52.13
N ALA A 24 -20.73 -12.36 52.01
CA ALA A 24 -21.57 -12.61 50.84
C ALA A 24 -22.70 -11.59 50.74
N PHE A 25 -23.59 -11.58 51.74
CA PHE A 25 -24.67 -10.60 51.75
C PHE A 25 -24.25 -9.27 52.36
N ALA A 26 -23.11 -9.22 53.05
CA ALA A 26 -22.62 -7.92 53.55
C ALA A 26 -22.23 -6.99 52.41
N GLN A 27 -21.79 -7.55 51.28
CA GLN A 27 -21.51 -6.74 50.11
C GLN A 27 -22.78 -6.41 49.34
N TYR A 28 -23.69 -7.38 49.22
CA TYR A 28 -24.89 -7.16 48.43
C TYR A 28 -25.82 -6.15 49.09
N LEU A 29 -26.21 -6.40 50.33
CA LEU A 29 -26.97 -5.45 51.13
C LEU A 29 -26.03 -4.86 52.19
N GLN A 30 -25.89 -3.54 52.18
CA GLN A 30 -24.85 -2.86 52.93
C GLN A 30 -25.35 -2.05 54.11
N GLN A 31 -26.57 -1.52 54.05
CA GLN A 31 -27.06 -0.63 55.10
C GLN A 31 -27.55 -1.37 56.33
N CYS A 32 -27.83 -2.66 56.22
CA CYS A 32 -28.28 -3.42 57.37
C CYS A 32 -27.17 -3.51 58.43
N PRO A 33 -27.53 -3.62 59.71
CA PRO A 33 -26.50 -3.58 60.76
C PRO A 33 -25.64 -4.83 60.83
N PHE A 34 -24.98 -5.04 61.97
CA PHE A 34 -23.98 -6.09 62.12
C PHE A 34 -24.55 -7.36 62.75
N GLU A 35 -25.32 -7.22 63.83
CA GLU A 35 -25.78 -8.40 64.56
C GLU A 35 -26.79 -9.21 63.76
N ASP A 36 -27.60 -8.55 62.93
CA ASP A 36 -28.53 -9.29 62.08
C ASP A 36 -27.78 -10.10 61.03
N HIS A 37 -26.59 -9.64 60.62
CA HIS A 37 -25.79 -10.42 59.70
C HIS A 37 -25.19 -11.63 60.40
N VAL A 38 -24.71 -11.44 61.63
CA VAL A 38 -24.09 -12.54 62.37
C VAL A 38 -25.08 -13.69 62.55
N LYS A 39 -26.31 -13.38 62.94
CA LYS A 39 -27.31 -14.44 63.11
C LYS A 39 -27.68 -15.07 61.78
N LEU A 40 -27.70 -14.28 60.69
CA LEU A 40 -27.92 -14.85 59.37
C LEU A 40 -26.77 -15.74 58.95
N VAL A 41 -25.55 -15.42 59.39
CA VAL A 41 -24.39 -16.26 59.08
C VAL A 41 -24.55 -17.63 59.73
N ASN A 42 -24.85 -17.64 61.03
CA ASN A 42 -25.07 -18.91 61.73
C ASN A 42 -26.28 -19.66 61.16
N GLU A 43 -27.29 -18.93 60.69
CA GLU A 43 -28.46 -19.58 60.09
C GLU A 43 -28.06 -20.46 58.92
N VAL A 44 -27.21 -19.95 58.03
CA VAL A 44 -26.78 -20.73 56.89
C VAL A 44 -25.64 -21.69 57.25
N THR A 45 -24.82 -21.32 58.23
CA THR A 45 -23.66 -22.13 58.57
C THR A 45 -24.08 -23.44 59.23
N GLU A 46 -25.00 -23.38 60.19
CA GLU A 46 -25.40 -24.60 60.89
C GLU A 46 -26.17 -25.54 59.97
N PHE A 47 -26.92 -25.01 59.01
CA PHE A 47 -27.61 -25.89 58.06
C PHE A 47 -26.64 -26.50 57.06
N ALA A 48 -25.56 -25.79 56.72
CA ALA A 48 -24.54 -26.38 55.87
C ALA A 48 -23.84 -27.54 56.58
N LYS A 49 -23.57 -27.38 57.89
CA LYS A 49 -23.04 -28.49 58.67
C LYS A 49 -24.08 -29.58 58.86
N THR A 50 -25.36 -29.23 58.81
CA THR A 50 -26.42 -30.22 58.98
C THR A 50 -26.44 -31.19 57.80
N CYS A 51 -26.23 -30.69 56.58
CA CYS A 51 -26.24 -31.56 55.41
C CYS A 51 -25.07 -32.53 55.41
N VAL A 52 -23.99 -32.24 56.14
CA VAL A 52 -22.84 -33.13 56.20
C VAL A 52 -23.16 -34.34 57.07
N GLN A 92 -30.53 -16.24 41.07
CA GLN A 92 -30.27 -17.51 40.41
C GLN A 92 -30.35 -17.35 38.90
N GLU A 93 -31.55 -17.04 38.42
CA GLU A 93 -31.75 -16.79 37.01
C GLU A 93 -31.06 -15.49 36.62
N PRO A 94 -30.55 -15.37 35.38
CA PRO A 94 -29.76 -14.17 35.00
C PRO A 94 -30.30 -12.83 35.49
N GLU A 95 -31.49 -12.43 35.05
CA GLU A 95 -32.01 -11.12 35.46
C GLU A 95 -32.19 -11.02 36.98
N ARG A 96 -32.31 -12.14 37.68
CA ARG A 96 -32.39 -12.10 39.14
C ARG A 96 -31.09 -11.56 39.74
N ASN A 97 -29.94 -12.03 39.25
CA ASN A 97 -28.67 -11.51 39.76
C ASN A 97 -28.33 -10.15 39.16
N GLU A 98 -28.85 -9.81 37.98
CA GLU A 98 -28.69 -8.43 37.51
C GLU A 98 -29.45 -7.45 38.38
N CYS A 99 -30.64 -7.84 38.86
CA CYS A 99 -31.34 -7.01 39.83
C CYS A 99 -30.54 -6.91 41.13
N PHE A 100 -29.87 -7.99 41.52
CA PHE A 100 -28.97 -7.92 42.68
C PHE A 100 -27.75 -7.05 42.37
N LEU A 101 -27.31 -7.02 41.11
CA LEU A 101 -26.21 -6.15 40.74
C LEU A 101 -26.63 -4.69 40.74
N GLN A 102 -27.85 -4.40 40.29
CA GLN A 102 -28.38 -3.05 40.39
C GLN A 102 -28.52 -2.61 41.84
N HIS A 103 -28.78 -3.57 42.75
CA HIS A 103 -28.82 -3.27 44.16
C HIS A 103 -27.45 -2.93 44.74
N LYS A 104 -26.38 -3.34 44.06
CA LYS A 104 -25.03 -3.09 44.54
C LYS A 104 -24.69 -1.61 44.40
N ASP A 105 -24.48 -0.94 45.53
CA ASP A 105 -24.10 0.46 45.56
C ASP A 105 -22.58 0.53 45.78
N ASP A 106 -21.85 0.93 44.74
CA ASP A 106 -20.39 0.94 44.82
C ASP A 106 -19.88 1.89 45.90
N ASN A 107 -20.59 2.99 46.13
CA ASN A 107 -20.31 3.87 47.27
C ASN A 107 -21.53 3.96 48.18
N PRO A 108 -21.48 3.38 49.38
CA PRO A 108 -22.66 3.37 50.25
C PRO A 108 -22.79 4.68 51.03
N ASN A 109 -23.95 4.82 51.68
CA ASN A 109 -24.24 5.97 52.52
C ASN A 109 -23.98 5.68 54.00
N LEU A 110 -23.43 4.52 54.33
CA LEU A 110 -23.10 4.13 55.69
C LEU A 110 -21.82 4.80 56.21
N PRO A 111 -20.78 5.02 55.37
CA PRO A 111 -19.63 5.68 56.01
C PRO A 111 -19.68 7.19 55.93
N THR A 123 -7.15 -3.60 72.15
CA THR A 123 -7.91 -4.14 73.27
C THR A 123 -9.08 -4.97 72.78
N ALA A 124 -9.87 -4.41 71.87
CA ALA A 124 -11.01 -5.15 71.31
C ALA A 124 -10.57 -6.44 70.64
N PHE A 125 -9.37 -6.44 70.05
CA PHE A 125 -8.81 -7.67 69.50
C PHE A 125 -8.55 -8.69 70.61
N HIS A 126 -7.93 -8.25 71.71
CA HIS A 126 -7.64 -9.15 72.81
C HIS A 126 -8.91 -9.63 73.49
N ASP A 127 -9.93 -8.77 73.60
CA ASP A 127 -11.18 -9.15 74.22
C ASP A 127 -11.88 -10.25 73.42
N ASN A 128 -12.13 -9.99 72.14
CA ASN A 128 -12.83 -10.96 71.29
C ASN A 128 -12.44 -10.66 69.84
N GLU A 129 -11.33 -11.25 69.39
CA GLU A 129 -10.88 -11.04 68.01
C GLU A 129 -11.86 -11.63 67.00
N GLU A 130 -12.67 -12.62 67.40
CA GLU A 130 -13.64 -13.20 66.50
C GLU A 130 -14.63 -12.14 66.00
N THR A 131 -15.37 -11.53 66.94
CA THR A 131 -16.30 -10.48 66.56
C THR A 131 -15.57 -9.23 66.08
N PHE A 132 -14.36 -9.00 66.58
CA PHE A 132 -13.58 -7.82 66.18
C PHE A 132 -13.23 -7.88 64.70
N LEU A 133 -12.70 -9.02 64.24
CA LEU A 133 -12.46 -9.19 62.81
C LEU A 133 -13.75 -9.41 62.04
N LYS A 134 -14.75 -10.03 62.66
CA LYS A 134 -16.03 -10.24 61.98
C LYS A 134 -16.67 -8.91 61.62
N LYS A 135 -16.69 -7.97 62.55
CA LYS A 135 -17.15 -6.62 62.24
C LYS A 135 -16.24 -5.96 61.22
N TYR A 136 -14.92 -6.14 61.36
CA TYR A 136 -13.98 -5.56 60.42
C TYR A 136 -14.18 -6.10 59.01
N LEU A 137 -14.37 -7.42 58.88
CA LEU A 137 -14.64 -8.00 57.57
C LEU A 137 -15.99 -7.54 57.03
N TYR A 138 -17.03 -7.63 57.86
CA TYR A 138 -18.36 -7.17 57.47
C TYR A 138 -18.36 -5.70 57.08
N GLU A 139 -17.53 -4.88 57.75
CA GLU A 139 -17.48 -3.47 57.44
C GLU A 139 -16.77 -3.20 56.11
N ILE A 140 -15.68 -3.91 55.85
CA ILE A 140 -15.01 -3.78 54.56
C ILE A 140 -15.91 -4.28 53.44
N ALA A 141 -16.62 -5.37 53.68
CA ALA A 141 -17.53 -5.91 52.67
C ALA A 141 -18.64 -4.91 52.35
N ARG A 142 -19.20 -4.27 53.37
CA ARG A 142 -20.26 -3.31 53.16
C ARG A 142 -19.75 -1.95 52.69
N ARG A 143 -18.43 -1.70 52.74
CA ARG A 143 -17.90 -0.48 52.17
C ARG A 143 -17.70 -0.62 50.68
N HIS A 144 -16.96 -1.65 50.26
CA HIS A 144 -16.72 -1.95 48.86
C HIS A 144 -17.49 -3.20 48.48
N PRO A 145 -18.59 -3.10 47.74
CA PRO A 145 -19.42 -4.28 47.46
C PRO A 145 -18.85 -5.22 46.41
N TYR A 146 -17.68 -4.92 45.83
CA TYR A 146 -17.09 -5.78 44.82
C TYR A 146 -15.66 -6.17 45.17
N PHE A 147 -15.22 -5.94 46.40
CA PHE A 147 -13.84 -6.22 46.78
C PHE A 147 -13.54 -7.71 46.69
N TYR A 148 -12.29 -8.03 46.42
CA TYR A 148 -11.87 -9.42 46.22
C TYR A 148 -12.10 -10.22 47.51
N ALA A 149 -13.00 -11.20 47.44
CA ALA A 149 -13.40 -11.91 48.66
C ALA A 149 -12.30 -12.81 49.20
N PRO A 150 -11.62 -13.64 48.40
CA PRO A 150 -10.49 -14.40 48.97
C PRO A 150 -9.36 -13.50 49.46
N GLU A 151 -9.12 -12.36 48.81
CA GLU A 151 -8.15 -11.41 49.34
C GLU A 151 -8.64 -10.77 50.62
N LEU A 152 -9.96 -10.58 50.75
CA LEU A 152 -10.52 -10.08 52.01
C LEU A 152 -10.18 -11.00 53.17
N LEU A 153 -10.29 -12.31 52.97
CA LEU A 153 -9.88 -13.25 54.00
C LEU A 153 -8.36 -13.25 54.17
N PHE A 154 -7.61 -13.05 53.08
CA PHE A 154 -6.15 -13.01 53.18
C PHE A 154 -5.70 -11.76 53.93
N PHE A 155 -6.35 -10.62 53.68
CA PHE A 155 -6.05 -9.42 54.46
C PHE A 155 -6.45 -9.60 55.92
N ALA A 156 -7.47 -10.42 56.20
CA ALA A 156 -7.85 -10.70 57.57
C ALA A 156 -6.80 -11.53 58.29
N LYS A 157 -6.09 -12.39 57.56
CA LYS A 157 -4.99 -13.14 58.17
C LYS A 157 -3.85 -12.22 58.56
N ARG A 158 -3.46 -11.31 57.66
CA ARG A 158 -2.49 -10.28 58.02
C ARG A 158 -3.03 -9.37 59.10
N TYR A 159 -4.35 -9.20 59.16
CA TYR A 159 -4.96 -8.33 60.16
C TYR A 159 -4.81 -8.91 61.56
N LYS A 160 -5.18 -10.18 61.74
CA LYS A 160 -5.10 -10.80 63.05
C LYS A 160 -3.65 -11.12 63.43
N ALA A 161 -2.79 -11.39 62.46
CA ALA A 161 -1.40 -11.68 62.76
C ALA A 161 -0.65 -10.44 63.21
N ALA A 162 -0.98 -9.27 62.66
CA ALA A 162 -0.33 -8.05 63.08
C ALA A 162 -0.84 -7.58 64.44
N PHE A 163 -2.12 -7.81 64.74
CA PHE A 163 -2.66 -7.41 66.04
C PHE A 163 -2.12 -8.29 67.16
N THR A 164 -1.95 -9.59 66.90
CA THR A 164 -1.42 -10.48 67.92
C THR A 164 0.03 -10.16 68.25
N GLU A 165 0.79 -9.66 67.28
CA GLU A 165 2.18 -9.28 67.50
C GLU A 165 2.29 -8.04 68.38
N LEU A 176 2.17 1.27 64.19
CA LEU A 176 2.95 2.37 63.63
C LEU A 176 2.28 2.91 62.37
N LEU A 177 2.76 4.05 61.88
CA LEU A 177 2.15 4.70 60.73
C LEU A 177 2.14 3.82 59.48
N PRO A 178 3.24 3.14 59.09
CA PRO A 178 3.14 2.24 57.92
C PRO A 178 2.20 1.07 58.15
N LYS A 179 2.12 0.56 59.37
CA LYS A 179 1.27 -0.60 59.64
C LYS A 179 -0.21 -0.25 59.46
N LEU A 180 -0.63 0.92 59.92
CA LEU A 180 -2.04 1.29 59.83
C LEU A 180 -2.39 1.90 58.49
N ASP A 181 -1.50 2.68 57.90
CA ASP A 181 -1.82 3.40 56.67
C ASP A 181 -1.66 2.52 55.43
N GLU A 182 -0.47 1.93 55.27
CA GLU A 182 -0.18 1.19 54.04
C GLU A 182 -1.12 -0.01 53.88
N LEU A 183 -1.53 -0.63 54.99
CA LEU A 183 -2.40 -1.80 54.90
C LEU A 183 -3.75 -1.45 54.29
N ARG A 184 -4.40 -0.40 54.81
CA ARG A 184 -5.73 -0.06 54.31
C ARG A 184 -5.67 0.51 52.90
N ASP A 185 -4.74 1.43 52.63
CA ASP A 185 -4.69 2.04 51.31
C ASP A 185 -4.31 1.04 50.23
N GLU A 186 -3.58 -0.02 50.57
CA GLU A 186 -3.28 -1.07 49.60
C GLU A 186 -4.55 -1.84 49.24
N GLY A 187 -5.42 -2.08 50.22
CA GLY A 187 -6.65 -2.82 49.97
C GLY A 187 -7.63 -2.03 49.10
N LYS A 188 -7.80 -0.74 49.42
CA LYS A 188 -8.69 0.09 48.60
C LYS A 188 -8.09 0.37 47.24
N ALA A 189 -6.76 0.41 47.13
CA ALA A 189 -6.13 0.56 45.82
C ALA A 189 -6.35 -0.69 44.97
N SER A 190 -6.21 -1.87 45.59
CA SER A 190 -6.57 -3.10 44.88
C SER A 190 -8.05 -3.11 44.55
N SER A 191 -8.89 -2.60 45.46
CA SER A 191 -10.32 -2.51 45.20
C SER A 191 -10.59 -1.65 43.98
N ALA A 192 -9.91 -0.52 43.85
CA ALA A 192 -10.03 0.31 42.67
C ALA A 192 -9.42 -0.33 41.43
N LYS A 193 -8.63 -1.40 41.60
CA LYS A 193 -7.99 -2.01 40.44
C LYS A 193 -8.93 -2.91 39.67
N GLN A 194 -9.73 -3.74 40.36
CA GLN A 194 -10.69 -4.55 39.63
C GLN A 194 -11.83 -3.68 39.06
N ARG A 195 -12.17 -2.59 39.74
CA ARG A 195 -13.13 -1.65 39.15
C ARG A 195 -12.61 -1.12 37.83
N LEU A 196 -11.30 -0.84 37.76
CA LEU A 196 -10.70 -0.35 36.52
C LEU A 196 -10.66 -1.42 35.45
N LYS A 197 -10.26 -2.65 35.83
CA LYS A 197 -10.22 -3.73 34.86
C LYS A 197 -11.61 -4.11 34.37
N CYS A 198 -12.64 -3.89 35.19
CA CYS A 198 -14.01 -4.11 34.73
C CYS A 198 -14.48 -2.99 33.83
N ALA A 199 -14.13 -1.74 34.17
CA ALA A 199 -14.43 -0.62 33.27
C ALA A 199 -13.65 -0.73 31.98
N SER A 200 -12.48 -1.38 32.01
CA SER A 200 -11.73 -1.63 30.80
C SER A 200 -12.30 -2.81 30.02
N LEU A 201 -12.89 -3.79 30.71
CA LEU A 201 -13.60 -4.86 30.02
C LEU A 201 -14.75 -4.29 29.19
N GLN A 202 -15.57 -3.44 29.80
CA GLN A 202 -16.56 -2.69 29.05
C GLN A 202 -15.85 -1.64 28.19
N LYS A 203 -16.62 -1.01 27.30
CA LYS A 203 -16.11 -0.01 26.36
C LYS A 203 -15.11 -0.61 25.37
N PHE A 204 -14.05 -1.24 25.87
CA PHE A 204 -13.01 -1.73 24.98
C PHE A 204 -13.36 -3.10 24.39
N GLY A 205 -13.94 -3.98 25.19
CA GLY A 205 -14.46 -5.23 24.69
C GLY A 205 -13.65 -6.43 25.15
N GLU A 206 -14.22 -7.61 24.88
CA GLU A 206 -13.57 -8.86 25.25
C GLU A 206 -12.30 -9.10 24.42
N ARG A 207 -12.28 -8.65 23.17
CA ARG A 207 -11.10 -8.80 22.34
C ARG A 207 -9.93 -8.00 22.90
N ALA A 208 -10.19 -6.79 23.39
CA ALA A 208 -9.14 -5.98 24.00
C ALA A 208 -8.54 -6.69 25.20
N PHE A 209 -9.40 -7.18 26.11
CA PHE A 209 -8.91 -7.94 27.25
C PHE A 209 -8.15 -9.18 26.81
N LYS A 210 -8.70 -9.91 25.84
CA LYS A 210 -8.01 -11.08 25.29
C LYS A 210 -6.59 -10.73 24.87
N ALA A 211 -6.44 -9.65 24.09
CA ALA A 211 -5.12 -9.25 23.61
C ALA A 211 -4.19 -8.92 24.76
N TRP A 212 -4.68 -8.14 25.73
CA TRP A 212 -3.88 -7.79 26.89
C TRP A 212 -3.47 -9.04 27.66
N ALA A 213 -4.42 -9.92 27.96
CA ALA A 213 -4.12 -11.13 28.71
C ALA A 213 -3.11 -11.98 27.96
N VAL A 214 -3.24 -12.06 26.63
CA VAL A 214 -2.28 -12.82 25.83
C VAL A 214 -0.86 -12.31 26.06
N ALA A 215 -0.67 -10.99 25.96
CA ALA A 215 0.65 -10.42 26.15
C ALA A 215 1.13 -10.57 27.59
N ARG A 216 0.22 -10.51 28.56
CA ARG A 216 0.62 -10.59 29.96
C ARG A 216 1.10 -11.98 30.32
N LEU A 217 0.23 -12.98 30.21
CA LEU A 217 0.57 -14.33 30.66
C LEU A 217 1.50 -15.06 29.70
N SER A 218 1.74 -14.54 28.49
CA SER A 218 2.79 -15.09 27.65
C SER A 218 4.15 -14.52 28.01
N GLN A 219 4.19 -13.29 28.53
CA GLN A 219 5.39 -12.81 29.21
C GLN A 219 5.66 -13.65 30.46
N ARG A 220 4.61 -14.11 31.12
CA ARG A 220 4.75 -14.81 32.39
C ARG A 220 5.26 -16.24 32.18
N PHE A 221 4.79 -16.92 31.13
CA PHE A 221 5.18 -18.29 30.83
C PHE A 221 5.59 -18.39 29.36
N PRO A 222 6.84 -18.07 29.04
CA PRO A 222 7.30 -18.20 27.65
C PRO A 222 7.46 -19.65 27.19
N LYS A 223 7.66 -20.59 28.13
CA LYS A 223 7.86 -21.98 27.73
C LYS A 223 6.58 -22.66 27.28
N ALA A 224 5.42 -22.08 27.57
CA ALA A 224 4.16 -22.66 27.16
C ALA A 224 3.90 -22.36 25.68
N GLU A 225 3.33 -23.35 24.99
CA GLU A 225 2.98 -23.15 23.59
C GLU A 225 1.84 -22.15 23.45
N PHE A 226 1.59 -21.72 22.21
CA PHE A 226 0.52 -20.77 21.97
C PHE A 226 -0.84 -21.36 22.28
N ALA A 227 -1.00 -22.67 22.09
CA ALA A 227 -2.30 -23.30 22.33
C ALA A 227 -2.68 -23.24 23.79
N GLU A 228 -1.73 -23.49 24.70
CA GLU A 228 -2.03 -23.41 26.12
C GLU A 228 -2.20 -21.97 26.57
N VAL A 229 -1.40 -21.06 26.02
CA VAL A 229 -1.54 -19.65 26.36
C VAL A 229 -2.92 -19.14 25.96
N SER A 230 -3.34 -19.43 24.73
CA SER A 230 -4.65 -19.00 24.27
C SER A 230 -5.76 -19.67 25.07
N LYS A 231 -5.56 -20.93 25.45
CA LYS A 231 -6.53 -21.59 26.32
C LYS A 231 -6.64 -20.87 27.65
N LEU A 232 -5.50 -20.64 28.32
CA LEU A 232 -5.51 -19.90 29.57
C LEU A 232 -6.19 -18.54 29.43
N VAL A 233 -6.06 -17.91 28.25
CA VAL A 233 -6.65 -16.59 28.05
C VAL A 233 -8.17 -16.69 28.02
N THR A 234 -8.72 -17.69 27.30
CA THR A 234 -10.17 -17.81 27.19
C THR A 234 -10.82 -18.01 28.54
N ASP A 235 -10.31 -18.96 29.34
CA ASP A 235 -10.90 -19.19 30.66
C ASP A 235 -10.62 -18.02 31.60
N LEU A 236 -9.50 -17.33 31.44
CA LEU A 236 -9.22 -16.19 32.31
C LEU A 236 -10.18 -15.04 32.02
N THR A 237 -10.51 -14.82 30.74
CA THR A 237 -11.52 -13.83 30.41
C THR A 237 -12.87 -14.21 31.02
N LYS A 238 -13.21 -15.50 31.00
CA LYS A 238 -14.43 -15.95 31.65
C LYS A 238 -14.38 -15.65 33.15
N VAL A 239 -13.23 -15.86 33.78
CA VAL A 239 -13.09 -15.57 35.21
C VAL A 239 -13.31 -14.08 35.47
N HIS A 240 -12.68 -13.23 34.66
CA HIS A 240 -12.78 -11.79 34.89
C HIS A 240 -14.16 -11.25 34.55
N THR A 241 -14.82 -11.80 33.53
CA THR A 241 -16.19 -11.36 33.23
C THR A 241 -17.15 -11.78 34.34
N GLU A 242 -16.94 -12.94 34.94
CA GLU A 242 -17.80 -13.37 36.04
C GLU A 242 -17.54 -12.55 37.30
N CYS A 243 -16.27 -12.27 37.60
CA CYS A 243 -15.94 -11.47 38.78
C CYS A 243 -16.30 -10.01 38.57
N CYS A 244 -16.38 -9.54 37.32
CA CYS A 244 -16.91 -8.21 37.05
C CYS A 244 -18.43 -8.16 37.17
N HIS A 245 -19.10 -9.29 37.00
CA HIS A 245 -20.53 -9.39 37.24
C HIS A 245 -20.84 -9.73 38.70
N GLY A 246 -19.84 -9.72 39.58
CA GLY A 246 -20.03 -10.03 40.98
C GLY A 246 -20.57 -11.43 41.23
N ASP A 247 -20.61 -12.25 40.19
CA ASP A 247 -21.20 -13.59 40.27
C ASP A 247 -20.18 -14.53 40.89
N LEU A 248 -20.17 -14.57 42.23
CA LEU A 248 -19.29 -15.50 42.93
C LEU A 248 -19.74 -16.95 42.78
N LEU A 249 -20.96 -17.17 42.26
CA LEU A 249 -21.36 -18.53 41.89
C LEU A 249 -20.65 -19.00 40.64
N GLU A 250 -20.14 -18.08 39.82
CA GLU A 250 -19.40 -18.41 38.61
C GLU A 250 -17.93 -18.02 38.70
N CYS A 251 -17.60 -16.90 39.35
CA CYS A 251 -16.21 -16.61 39.67
C CYS A 251 -15.83 -17.34 40.96
N ALA A 252 -14.55 -17.24 41.32
CA ALA A 252 -13.95 -17.94 42.46
C ALA A 252 -13.81 -19.44 42.21
N ASP A 253 -14.89 -20.13 41.83
CA ASP A 253 -14.73 -21.54 41.49
C ASP A 253 -14.04 -21.68 40.14
N ASP A 254 -14.39 -20.83 39.17
CA ASP A 254 -13.62 -20.75 37.94
C ASP A 254 -12.16 -20.40 38.22
N ARG A 255 -11.94 -19.49 39.18
CA ARG A 255 -10.59 -19.19 39.63
C ARG A 255 -9.92 -20.44 40.21
N ALA A 256 -10.70 -21.25 40.94
CA ALA A 256 -10.15 -22.49 41.48
C ALA A 256 -9.99 -23.55 40.38
N ASP A 257 -10.94 -23.59 39.43
CA ASP A 257 -10.80 -24.52 38.31
C ASP A 257 -9.57 -24.19 37.47
N LEU A 258 -9.35 -22.91 37.19
CA LEU A 258 -8.18 -22.50 36.43
C LEU A 258 -6.91 -22.75 37.23
N ALA A 259 -6.95 -22.48 38.53
CA ALA A 259 -5.78 -22.76 39.38
C ALA A 259 -5.49 -24.25 39.45
N LYS A 260 -6.54 -25.09 39.47
CA LYS A 260 -6.35 -26.52 39.42
C LYS A 260 -5.79 -26.94 38.06
N TYR A 261 -6.35 -26.41 36.98
CA TYR A 261 -5.91 -26.79 35.65
C TYR A 261 -4.45 -26.43 35.42
N ILE A 262 -4.03 -25.25 35.89
CA ILE A 262 -2.64 -24.85 35.76
C ILE A 262 -1.73 -25.79 36.53
N CYS A 263 -2.21 -26.31 37.67
CA CYS A 263 -1.37 -27.18 38.49
C CYS A 263 -1.24 -28.59 37.91
N GLU A 264 -2.24 -29.07 37.15
CA GLU A 264 -2.08 -30.38 36.53
C GLU A 264 -1.05 -30.33 35.41
N ASN A 265 -1.19 -29.37 34.49
CA ASN A 265 -0.23 -29.18 33.41
C ASN A 265 0.84 -28.16 33.76
N GLN A 266 1.31 -28.17 35.01
CA GLN A 266 2.32 -27.19 35.44
C GLN A 266 3.62 -27.34 34.68
N ASP A 267 3.96 -28.56 34.25
CA ASP A 267 5.21 -28.77 33.55
C ASP A 267 5.26 -28.03 32.23
N SER A 268 4.14 -28.02 31.50
CA SER A 268 4.11 -27.36 30.20
C SER A 268 3.99 -25.85 30.29
N ILE A 269 3.60 -25.30 31.44
CA ILE A 269 3.46 -23.86 31.60
C ILE A 269 4.74 -23.28 32.17
N SER A 270 5.03 -23.57 33.44
CA SER A 270 6.22 -23.03 34.08
C SER A 270 6.52 -23.85 35.34
N SER A 271 7.81 -24.01 35.62
CA SER A 271 8.25 -24.74 36.80
C SER A 271 8.17 -23.91 38.08
N LYS A 272 8.14 -22.58 37.95
CA LYS A 272 8.07 -21.70 39.12
C LYS A 272 6.77 -21.86 39.90
N LEU A 273 5.77 -22.52 39.32
CA LEU A 273 4.48 -22.74 39.96
C LEU A 273 4.50 -23.86 40.99
N LYS A 274 5.65 -24.50 41.23
CA LYS A 274 5.70 -25.62 42.16
C LYS A 274 5.43 -25.19 43.59
N GLU A 275 5.74 -23.94 43.94
CA GLU A 275 5.41 -23.45 45.27
C GLU A 275 3.93 -23.16 45.43
N CYS A 276 3.21 -22.94 44.32
CA CYS A 276 1.82 -22.53 44.41
C CYS A 276 0.87 -23.72 44.53
N CYS A 277 1.23 -24.87 43.98
CA CYS A 277 0.35 -26.02 44.03
C CYS A 277 0.41 -26.75 45.37
N GLU A 278 1.46 -26.56 46.15
CA GLU A 278 1.50 -27.12 47.51
C GLU A 278 0.65 -26.29 48.47
N LYS A 279 0.40 -25.03 48.15
CA LYS A 279 -0.47 -24.19 48.97
C LYS A 279 -1.92 -24.65 48.79
N PRO A 280 -2.78 -24.37 49.78
CA PRO A 280 -4.21 -24.72 49.64
C PRO A 280 -4.91 -23.77 48.67
N LEU A 281 -6.18 -24.11 48.39
CA LEU A 281 -6.92 -23.48 47.31
C LEU A 281 -6.96 -21.96 47.38
N LEU A 282 -6.81 -21.39 48.59
CA LEU A 282 -6.86 -19.94 48.73
C LEU A 282 -5.59 -19.31 48.16
N GLU A 283 -4.47 -19.45 48.88
CA GLU A 283 -3.23 -18.83 48.45
C GLU A 283 -2.64 -19.46 47.20
N LYS A 284 -3.14 -20.62 46.77
CA LYS A 284 -2.69 -21.21 45.52
C LYS A 284 -2.96 -20.25 44.35
N SER A 285 -4.24 -19.97 44.09
CA SER A 285 -4.59 -19.04 43.03
C SER A 285 -4.11 -17.62 43.33
N HIS A 286 -3.90 -17.29 44.60
CA HIS A 286 -3.35 -15.98 44.95
C HIS A 286 -1.93 -15.83 44.40
N CYS A 287 -1.02 -16.70 44.84
CA CYS A 287 0.35 -16.64 44.33
C CYS A 287 0.42 -16.97 42.84
N ILE A 288 -0.57 -17.68 42.31
CA ILE A 288 -0.61 -17.91 40.87
C ILE A 288 -0.69 -16.58 40.12
N ALA A 289 -1.42 -15.62 40.68
CA ALA A 289 -1.40 -14.26 40.15
C ALA A 289 -0.13 -13.51 40.50
N GLU A 290 0.73 -14.09 41.34
CA GLU A 290 1.97 -13.44 41.78
C GLU A 290 3.22 -14.19 41.34
N VAL A 291 3.09 -15.18 40.45
CA VAL A 291 4.26 -15.98 40.07
C VAL A 291 5.29 -15.10 39.38
N GLU A 292 6.56 -15.31 39.74
CA GLU A 292 7.65 -14.69 39.01
C GLU A 292 7.75 -15.29 37.62
N ASN A 293 8.15 -14.45 36.67
CA ASN A 293 8.18 -14.86 35.27
C ASN A 293 9.24 -15.95 35.05
N ASP A 294 8.90 -16.92 34.21
CA ASP A 294 9.84 -17.97 33.85
C ASP A 294 10.69 -17.53 32.67
N GLU A 295 11.89 -18.09 32.59
CA GLU A 295 12.85 -17.67 31.58
C GLU A 295 12.51 -18.27 30.22
N MET A 296 12.72 -17.49 29.16
CA MET A 296 12.50 -17.96 27.81
C MET A 296 13.50 -19.07 27.49
N PRO A 297 13.25 -19.86 26.42
CA PRO A 297 14.24 -20.86 26.00
C PRO A 297 15.61 -20.26 25.71
N ALA A 298 15.69 -18.93 25.58
CA ALA A 298 16.95 -18.22 25.32
C ALA A 298 17.62 -18.74 24.05
N ASP A 299 16.81 -19.31 23.16
CA ASP A 299 17.29 -19.84 21.89
C ASP A 299 16.26 -19.63 20.79
N LEU A 300 15.24 -18.81 21.05
CA LEU A 300 14.17 -18.58 20.10
C LEU A 300 14.70 -17.84 18.88
N PRO A 301 14.13 -18.10 17.70
CA PRO A 301 14.49 -17.33 16.51
C PRO A 301 13.85 -15.95 16.54
N SER A 302 14.26 -15.11 15.60
CA SER A 302 13.58 -13.84 15.39
C SER A 302 12.19 -14.10 14.86
N LEU A 303 11.16 -13.58 15.54
CA LEU A 303 9.79 -13.82 15.13
C LEU A 303 9.52 -13.32 13.72
N ALA A 304 10.36 -12.42 13.21
CA ALA A 304 10.24 -11.96 11.83
C ALA A 304 10.28 -13.13 10.86
N ALA A 305 11.15 -14.11 11.13
CA ALA A 305 11.27 -15.27 10.25
C ALA A 305 9.97 -16.04 10.11
N ASP A 306 8.99 -15.79 10.98
CA ASP A 306 7.70 -16.45 10.92
C ASP A 306 6.54 -15.46 10.82
N PHE A 307 6.81 -14.17 10.67
CA PHE A 307 5.74 -13.18 10.74
C PHE A 307 5.85 -12.08 9.69
N VAL A 308 7.06 -11.67 9.33
CA VAL A 308 7.22 -10.62 8.32
C VAL A 308 8.29 -10.99 7.30
N GLU A 309 9.40 -11.56 7.75
CA GLU A 309 10.43 -11.99 6.82
C GLU A 309 9.93 -13.11 5.91
N SER A 310 9.07 -13.98 6.42
CA SER A 310 8.55 -15.10 5.66
C SER A 310 7.42 -14.64 4.73
N LYS A 311 6.92 -15.56 3.93
CA LYS A 311 5.80 -15.32 3.04
C LYS A 311 4.53 -15.91 3.67
N ASP A 312 3.45 -15.97 2.89
CA ASP A 312 2.16 -16.47 3.35
C ASP A 312 1.68 -15.75 4.60
N VAL A 313 2.23 -14.56 4.86
CA VAL A 313 1.77 -13.77 6.01
C VAL A 313 0.32 -13.37 5.80
N CYS A 314 0.00 -12.82 4.62
CA CYS A 314 -1.37 -12.49 4.30
C CYS A 314 -2.23 -13.73 4.12
N LYS A 315 -1.61 -14.90 3.87
CA LYS A 315 -2.35 -16.14 3.87
C LYS A 315 -2.84 -16.49 5.28
N ASN A 316 -1.89 -16.70 6.20
CA ASN A 316 -2.24 -17.07 7.57
C ASN A 316 -3.05 -15.99 8.26
N TYR A 317 -2.95 -14.74 7.79
CA TYR A 317 -3.83 -13.68 8.30
C TYR A 317 -5.27 -13.91 7.86
N ALA A 318 -5.46 -14.39 6.63
CA ALA A 318 -6.81 -14.66 6.14
C ALA A 318 -7.40 -15.92 6.76
N GLU A 319 -6.54 -16.89 7.10
CA GLU A 319 -7.02 -18.11 7.75
C GLU A 319 -7.73 -17.76 9.05
N ALA A 320 -7.07 -16.99 9.91
CA ALA A 320 -7.67 -16.51 11.16
C ALA A 320 -6.96 -15.23 11.53
N LYS A 321 -7.65 -14.10 11.41
CA LYS A 321 -7.00 -12.80 11.60
C LYS A 321 -6.52 -12.63 13.03
N ASP A 322 -7.43 -12.80 14.00
CA ASP A 322 -7.05 -12.58 15.39
C ASP A 322 -6.10 -13.66 15.89
N VAL A 323 -6.33 -14.91 15.50
CA VAL A 323 -5.43 -15.99 15.92
C VAL A 323 -4.02 -15.75 15.43
N PHE A 324 -3.87 -15.32 14.18
CA PHE A 324 -2.54 -14.98 13.67
C PHE A 324 -1.97 -13.78 14.41
N LEU A 325 -2.81 -12.78 14.72
CA LEU A 325 -2.35 -11.64 15.50
C LEU A 325 -1.99 -12.05 16.92
N GLY A 326 -2.71 -13.01 17.50
CA GLY A 326 -2.35 -13.51 18.80
C GLY A 326 -1.04 -14.28 18.79
N MET A 327 -0.77 -14.98 17.69
CA MET A 327 0.53 -15.66 17.55
C MET A 327 1.67 -14.65 17.50
N PHE A 328 1.42 -13.50 16.88
CA PHE A 328 2.43 -12.44 16.83
C PHE A 328 2.71 -11.89 18.23
N LEU A 329 1.64 -11.59 18.97
CA LEU A 329 1.81 -11.02 20.31
C LEU A 329 2.42 -12.05 21.26
N TYR A 330 2.01 -13.31 21.14
CA TYR A 330 2.57 -14.36 22.00
C TYR A 330 4.08 -14.50 21.80
N GLU A 331 4.54 -14.44 20.55
CA GLU A 331 5.96 -14.58 20.30
C GLU A 331 6.73 -13.33 20.72
N TYR A 332 6.14 -12.15 20.54
CA TYR A 332 6.86 -10.92 20.87
C TYR A 332 6.94 -10.71 22.38
N ALA A 333 5.85 -10.98 23.10
CA ALA A 333 5.84 -10.77 24.54
C ALA A 333 6.75 -11.77 25.25
N ARG A 334 6.65 -13.05 24.88
CA ARG A 334 7.50 -14.07 25.49
C ARG A 334 8.98 -13.80 25.25
N ARG A 335 9.32 -13.00 24.23
CA ARG A 335 10.71 -12.64 23.97
C ARG A 335 11.13 -11.39 24.73
N HIS A 336 10.19 -10.51 25.06
CA HIS A 336 10.49 -9.23 25.70
C HIS A 336 9.64 -9.07 26.96
N PRO A 337 10.03 -9.71 28.07
CA PRO A 337 9.36 -9.44 29.34
C PRO A 337 9.69 -8.07 29.90
N ASP A 338 10.80 -7.46 29.47
CA ASP A 338 11.21 -6.16 29.97
C ASP A 338 10.37 -5.01 29.41
N TYR A 339 9.46 -5.29 28.49
CA TYR A 339 8.59 -4.27 27.94
C TYR A 339 7.30 -4.18 28.75
N SER A 340 6.67 -3.01 28.70
CA SER A 340 5.35 -2.85 29.29
C SER A 340 4.32 -3.56 28.41
N VAL A 341 3.31 -4.15 29.06
CA VAL A 341 2.23 -4.78 28.31
C VAL A 341 1.57 -3.77 27.39
N VAL A 342 1.54 -2.51 27.79
CA VAL A 342 1.01 -1.46 26.92
C VAL A 342 1.88 -1.30 25.68
N LEU A 343 3.20 -1.47 25.82
CA LEU A 343 4.08 -1.40 24.66
C LEU A 343 3.84 -2.58 23.73
N LEU A 344 3.63 -3.78 24.28
CA LEU A 344 3.32 -4.93 23.45
C LEU A 344 2.06 -4.70 22.64
N LEU A 345 1.05 -4.07 23.25
CA LEU A 345 -0.18 -3.78 22.51
C LEU A 345 0.02 -2.62 21.54
N ARG A 346 0.97 -1.73 21.81
CA ARG A 346 1.34 -0.72 20.82
C ARG A 346 1.94 -1.38 19.58
N LEU A 347 2.79 -2.38 19.78
CA LEU A 347 3.41 -3.05 18.64
C LEU A 347 2.42 -3.93 17.89
N ALA A 348 1.46 -4.50 18.59
CA ALA A 348 0.46 -5.35 17.94
C ALA A 348 -0.47 -4.52 17.06
N LYS A 349 -0.96 -3.39 17.58
CA LYS A 349 -1.86 -2.55 16.79
C LYS A 349 -1.16 -1.94 15.58
N THR A 350 0.16 -1.75 15.66
CA THR A 350 0.91 -1.25 14.51
C THR A 350 1.10 -2.36 13.47
N TYR A 351 1.37 -3.58 13.92
CA TYR A 351 1.49 -4.70 13.01
C TYR A 351 0.17 -5.00 12.31
N GLU A 352 -0.93 -4.96 13.06
CA GLU A 352 -2.24 -5.24 12.47
C GLU A 352 -2.61 -4.18 11.45
N THR A 353 -2.41 -2.90 11.78
CA THR A 353 -2.71 -1.84 10.82
C THR A 353 -1.81 -1.94 9.60
N THR A 354 -0.56 -2.36 9.78
CA THR A 354 0.31 -2.58 8.64
C THR A 354 -0.16 -3.78 7.82
N LEU A 355 -0.62 -4.84 8.47
CA LEU A 355 -1.12 -6.00 7.75
C LEU A 355 -2.39 -5.68 6.99
N GLU A 356 -3.28 -4.88 7.58
CA GLU A 356 -4.53 -4.54 6.91
C GLU A 356 -4.27 -3.71 5.66
N LYS A 357 -3.29 -2.81 5.72
CA LYS A 357 -2.98 -1.96 4.57
C LYS A 357 -2.24 -2.74 3.50
N CYS A 358 -1.30 -3.60 3.89
CA CYS A 358 -0.43 -4.25 2.93
C CYS A 358 -1.09 -5.46 2.27
N CYS A 359 -1.92 -6.19 3.01
CA CYS A 359 -2.52 -7.41 2.47
C CYS A 359 -3.43 -7.14 1.27
N ALA A 360 -3.94 -5.91 1.13
CA ALA A 360 -4.79 -5.53 0.02
C ALA A 360 -4.02 -4.97 -1.17
N ALA A 361 -2.70 -5.09 -1.16
CA ALA A 361 -1.85 -4.62 -2.26
C ALA A 361 -1.51 -5.78 -3.19
N ALA A 362 -1.01 -5.42 -4.38
CA ALA A 362 -0.61 -6.44 -5.34
C ALA A 362 0.62 -7.20 -4.86
N ASP A 363 1.50 -6.55 -4.09
CA ASP A 363 2.68 -7.18 -3.53
C ASP A 363 2.78 -6.80 -2.06
N PRO A 364 2.19 -7.60 -1.17
CA PRO A 364 2.29 -7.29 0.27
C PRO A 364 3.66 -7.55 0.86
N HIS A 365 4.47 -8.42 0.24
CA HIS A 365 5.77 -8.75 0.83
C HIS A 365 6.67 -7.54 0.93
N GLU A 366 6.82 -6.80 -0.18
CA GLU A 366 7.60 -5.56 -0.13
C GLU A 366 6.92 -4.50 0.73
N CYS A 367 5.60 -4.60 0.92
CA CYS A 367 4.88 -3.63 1.74
C CYS A 367 5.12 -3.87 3.22
N TYR A 368 4.70 -5.04 3.74
CA TYR A 368 4.86 -5.28 5.16
C TYR A 368 6.31 -5.53 5.57
N ALA A 369 7.23 -5.68 4.62
CA ALA A 369 8.64 -5.63 4.97
C ALA A 369 8.99 -4.24 5.51
N LYS A 370 10.03 -4.19 6.32
CA LYS A 370 10.41 -2.97 7.04
C LYS A 370 9.30 -2.48 7.97
N VAL A 371 8.51 -3.42 8.49
CA VAL A 371 7.53 -3.05 9.51
C VAL A 371 8.23 -2.87 10.86
N PHE A 372 9.38 -3.52 11.06
CA PHE A 372 10.15 -3.33 12.27
C PHE A 372 10.72 -1.92 12.36
N ASP A 373 10.87 -1.24 11.23
CA ASP A 373 11.25 0.17 11.25
C ASP A 373 10.16 1.03 11.88
N GLU A 374 8.91 0.56 11.84
CA GLU A 374 7.82 1.21 12.55
C GLU A 374 7.76 0.79 14.01
N PHE A 375 8.36 -0.35 14.35
CA PHE A 375 8.39 -0.81 15.74
C PHE A 375 9.45 -0.10 16.57
N LYS A 376 10.54 0.31 15.94
CA LYS A 376 11.68 0.87 16.68
C LYS A 376 11.33 2.16 17.42
N PRO A 377 10.70 3.17 16.81
CA PRO A 377 10.40 4.39 17.56
C PRO A 377 9.39 4.19 18.67
N LEU A 378 8.47 3.23 18.53
CA LEU A 378 7.49 2.98 19.59
C LEU A 378 8.15 2.40 20.83
N VAL A 379 9.27 1.70 20.67
CA VAL A 379 10.03 1.21 21.81
C VAL A 379 11.12 2.20 22.23
N GLU A 380 11.53 3.11 21.34
CA GLU A 380 12.56 4.08 21.69
C GLU A 380 12.03 5.13 22.65
N GLU A 381 10.80 5.62 22.42
CA GLU A 381 10.30 6.74 23.21
C GLU A 381 10.16 6.40 24.69
N PRO A 382 9.50 5.30 25.10
CA PRO A 382 9.43 5.02 26.54
C PRO A 382 10.77 4.60 27.13
N GLN A 383 11.57 3.85 26.38
CA GLN A 383 12.85 3.36 26.91
C GLN A 383 13.78 4.51 27.25
N ASN A 384 13.89 5.51 26.37
CA ASN A 384 14.76 6.63 26.66
C ASN A 384 14.19 7.53 27.75
N LEU A 385 12.86 7.56 27.89
CA LEU A 385 12.27 8.29 29.01
C LEU A 385 12.56 7.58 30.34
N ILE A 386 12.62 6.25 30.32
CA ILE A 386 12.94 5.50 31.54
C ILE A 386 14.34 5.86 32.01
N LYS A 387 15.32 5.83 31.10
CA LYS A 387 16.71 6.03 31.49
C LYS A 387 17.02 7.49 31.79
N GLN A 388 16.31 8.43 31.16
CA GLN A 388 16.61 9.84 31.39
C GLN A 388 16.00 10.34 32.70
N ASN A 389 14.84 9.83 33.09
CA ASN A 389 14.26 10.21 34.37
C ASN A 389 14.86 9.43 35.53
N CYS A 390 15.30 8.19 35.28
CA CYS A 390 16.00 7.44 36.32
C CYS A 390 17.33 8.11 36.67
N GLU A 391 18.12 8.48 35.65
CA GLU A 391 19.41 9.10 35.91
C GLU A 391 19.25 10.49 36.50
N LEU A 392 18.19 11.21 36.14
CA LEU A 392 17.91 12.50 36.76
C LEU A 392 17.55 12.33 38.22
N PHE A 393 16.67 11.37 38.52
CA PHE A 393 16.33 11.09 39.91
C PHE A 393 17.51 10.56 40.70
N GLU A 394 18.43 9.84 40.04
CA GLU A 394 19.59 9.29 40.73
C GLU A 394 20.49 10.40 41.27
N GLN A 395 20.77 11.41 40.44
CA GLN A 395 21.65 12.50 40.87
C GLN A 395 20.94 13.53 41.73
N LEU A 396 19.62 13.64 41.62
CA LEU A 396 18.88 14.69 42.31
C LEU A 396 18.33 14.24 43.66
N GLY A 397 17.98 12.96 43.80
CA GLY A 397 17.25 12.50 44.96
C GLY A 397 15.76 12.66 44.77
N GLU A 398 15.00 12.02 45.67
CA GLU A 398 13.55 12.00 45.52
C GLU A 398 12.93 13.39 45.62
N TYR A 399 13.38 14.19 46.58
CA TYR A 399 12.78 15.51 46.77
C TYR A 399 13.07 16.43 45.59
N LYS A 400 14.35 16.55 45.22
CA LYS A 400 14.71 17.38 44.06
C LYS A 400 14.07 16.85 42.78
N PHE A 401 13.91 15.53 42.67
CA PHE A 401 13.19 14.97 41.52
C PHE A 401 11.73 15.40 41.54
N GLN A 402 11.09 15.36 42.71
CA GLN A 402 9.71 15.80 42.80
C GLN A 402 9.57 17.27 42.43
N ASN A 403 10.53 18.09 42.85
CA ASN A 403 10.49 19.51 42.49
C ASN A 403 10.59 19.72 40.99
N ALA A 404 11.48 18.96 40.34
CA ALA A 404 11.58 19.04 38.88
C ALA A 404 10.28 18.59 38.22
N LEU A 405 9.68 17.51 38.73
CA LEU A 405 8.38 17.08 38.23
C LEU A 405 7.33 18.16 38.44
N LEU A 406 7.39 18.86 39.57
CA LEU A 406 6.45 19.96 39.80
C LEU A 406 6.56 21.02 38.72
N VAL A 407 7.79 21.39 38.33
CA VAL A 407 7.98 22.44 37.36
C VAL A 407 7.49 22.00 35.98
N ARG A 408 7.84 20.79 35.57
CA ARG A 408 7.47 20.32 34.23
C ARG A 408 5.96 20.24 34.06
N TYR A 409 5.29 19.51 34.97
CA TYR A 409 3.86 19.27 34.79
C TYR A 409 3.02 20.52 35.05
N THR A 410 3.52 21.45 35.86
CA THR A 410 2.84 22.75 35.98
C THR A 410 3.14 23.66 34.80
N LYS A 411 4.25 23.44 34.11
CA LYS A 411 4.49 24.20 32.89
C LYS A 411 3.52 23.79 31.80
N LYS A 412 3.45 22.49 31.47
CA LYS A 412 2.62 22.02 30.37
C LYS A 412 1.13 22.25 30.62
N VAL A 413 0.68 22.08 31.86
CA VAL A 413 -0.73 22.31 32.19
C VAL A 413 -0.85 23.00 33.54
N PRO A 414 -0.82 24.34 33.58
CA PRO A 414 -1.00 25.05 34.86
C PRO A 414 -2.44 25.17 35.30
N GLN A 415 -3.40 24.70 34.50
CA GLN A 415 -4.81 24.87 34.80
C GLN A 415 -5.28 23.91 35.89
N VAL A 416 -4.56 22.82 36.12
CA VAL A 416 -4.93 21.91 37.21
C VAL A 416 -4.66 22.58 38.55
N SER A 417 -5.48 22.23 39.54
CA SER A 417 -5.35 22.83 40.86
C SER A 417 -3.96 22.57 41.43
N THR A 418 -3.50 23.51 42.26
CA THR A 418 -2.18 23.39 42.87
C THR A 418 -2.04 22.14 43.73
N PRO A 419 -2.97 21.80 44.62
CA PRO A 419 -2.82 20.53 45.37
C PRO A 419 -2.67 19.32 44.46
N THR A 420 -3.59 19.13 43.52
CA THR A 420 -3.56 17.97 42.63
C THR A 420 -2.18 17.81 41.99
N LEU A 421 -1.57 18.91 41.56
CA LEU A 421 -0.24 18.84 40.97
C LEU A 421 0.81 18.42 41.99
N VAL A 422 0.57 18.66 43.28
CA VAL A 422 1.58 18.39 44.30
C VAL A 422 1.67 16.90 44.59
N GLU A 423 0.55 16.27 44.98
CA GLU A 423 0.62 14.84 45.30
C GLU A 423 0.91 14.01 44.05
N VAL A 424 0.51 14.50 42.88
CA VAL A 424 0.87 13.81 41.63
C VAL A 424 2.38 13.80 41.46
N SER A 425 3.02 14.96 41.63
CA SER A 425 4.48 15.01 41.54
C SER A 425 5.12 14.25 42.69
N ARG A 426 4.48 14.22 43.85
CA ARG A 426 5.04 13.49 45.00
C ARG A 426 5.08 11.99 44.70
N ASN A 427 3.93 11.40 44.35
CA ASN A 427 3.91 9.96 44.07
C ASN A 427 4.68 9.62 42.80
N LEU A 428 4.83 10.57 41.88
CA LEU A 428 5.66 10.32 40.70
C LEU A 428 7.13 10.21 41.10
N GLY A 429 7.56 10.99 42.09
CA GLY A 429 8.89 10.78 42.65
C GLY A 429 9.01 9.43 43.34
N LYS A 430 7.93 8.99 43.99
CA LYS A 430 7.91 7.65 44.57
C LYS A 430 7.98 6.58 43.49
N VAL A 431 7.43 6.84 42.30
CA VAL A 431 7.56 5.92 41.19
C VAL A 431 9.03 5.73 40.84
N GLY A 432 9.77 6.84 40.76
CA GLY A 432 11.20 6.73 40.51
C GLY A 432 11.95 6.09 41.66
N SER A 433 11.55 6.38 42.90
CA SER A 433 12.24 5.80 44.04
C SER A 433 12.09 4.29 44.09
N LYS A 434 10.98 3.77 43.59
CA LYS A 434 10.74 2.33 43.64
C LYS A 434 11.35 1.60 42.45
N CYS A 435 11.08 2.08 41.23
CA CYS A 435 11.46 1.32 40.05
C CYS A 435 12.92 1.54 39.66
N CYS A 436 13.47 2.74 39.89
CA CYS A 436 14.85 3.01 39.49
C CYS A 436 15.88 2.26 40.34
N LYS A 437 15.45 1.58 41.41
CA LYS A 437 16.36 0.69 42.12
C LYS A 437 16.49 -0.66 41.42
N HIS A 438 15.45 -1.09 40.70
CA HIS A 438 15.49 -2.32 39.95
C HIS A 438 16.25 -2.13 38.63
N PRO A 439 16.86 -3.19 38.11
CA PRO A 439 17.57 -3.07 36.83
C PRO A 439 16.60 -2.80 35.68
N GLU A 440 17.19 -2.51 34.52
CA GLU A 440 16.39 -2.17 33.35
C GLU A 440 15.52 -3.33 32.89
N ALA A 441 15.88 -4.56 33.24
CA ALA A 441 15.10 -5.73 32.84
C ALA A 441 13.69 -5.68 33.42
N LYS A 442 13.50 -5.00 34.54
CA LYS A 442 12.20 -4.91 35.20
C LYS A 442 11.76 -3.46 35.41
N ARG A 443 12.50 -2.49 34.87
CA ARG A 443 12.16 -1.08 35.05
C ARG A 443 10.81 -0.75 34.41
N MET A 444 10.70 -1.00 33.10
CA MET A 444 9.48 -0.66 32.38
C MET A 444 8.25 -1.41 32.88
N PRO A 445 8.30 -2.71 33.21
CA PRO A 445 7.11 -3.33 33.86
C PRO A 445 6.76 -2.68 35.18
N CYS A 446 7.75 -2.43 36.04
CA CYS A 446 7.50 -1.75 37.31
C CYS A 446 6.87 -0.38 37.09
N ALA A 447 7.32 0.33 36.06
CA ALA A 447 6.84 1.69 35.83
C ALA A 447 5.36 1.70 35.48
N GLU A 448 4.92 0.81 34.60
CA GLU A 448 3.52 0.79 34.20
C GLU A 448 2.62 0.25 35.30
N ASP A 449 3.15 -0.54 36.24
CA ASP A 449 2.32 -1.06 37.32
C ASP A 449 1.81 0.06 38.21
N TYR A 450 2.63 1.10 38.41
CA TYR A 450 2.25 2.24 39.23
C TYR A 450 1.71 3.41 38.42
N LEU A 451 2.24 3.63 37.22
CA LEU A 451 1.76 4.72 36.39
C LEU A 451 0.32 4.51 35.95
N SER A 452 -0.10 3.26 35.80
CA SER A 452 -1.49 2.97 35.44
C SER A 452 -2.45 3.48 36.51
N VAL A 453 -2.18 3.14 37.77
CA VAL A 453 -3.04 3.57 38.87
C VAL A 453 -2.98 5.09 39.02
N VAL A 454 -1.78 5.66 38.94
CA VAL A 454 -1.62 7.10 39.15
C VAL A 454 -2.32 7.89 38.06
N LEU A 455 -2.09 7.52 36.80
CA LEU A 455 -2.71 8.23 35.68
C LEU A 455 -4.22 8.02 35.67
N ASN A 456 -4.67 6.80 35.97
CA ASN A 456 -6.12 6.56 36.09
C ASN A 456 -6.71 7.33 37.26
N GLN A 457 -5.93 7.52 38.32
CA GLN A 457 -6.42 8.25 39.49
C GLN A 457 -6.70 9.71 39.14
N LEU A 458 -5.71 10.40 38.56
CA LEU A 458 -5.91 11.80 38.21
C LEU A 458 -6.91 11.96 37.07
N CYS A 459 -7.03 10.95 36.21
CA CYS A 459 -8.05 10.98 35.17
C CYS A 459 -9.44 10.90 35.77
N VAL A 460 -9.65 9.95 36.68
CA VAL A 460 -10.97 9.78 37.29
C VAL A 460 -11.39 11.05 38.01
N LEU A 461 -10.48 11.67 38.76
CA LEU A 461 -10.81 12.91 39.45
C LEU A 461 -11.00 14.06 38.47
N HIS A 462 -10.35 14.00 37.30
CA HIS A 462 -10.49 15.08 36.33
C HIS A 462 -11.85 15.05 35.64
N GLU A 463 -12.41 13.85 35.42
CA GLU A 463 -13.77 13.78 34.88
C GLU A 463 -14.78 14.37 35.85
N LYS A 464 -14.51 14.26 37.16
CA LYS A 464 -15.41 14.85 38.15
C LYS A 464 -15.32 16.37 38.16
N THR A 465 -14.10 16.90 37.99
CA THR A 465 -13.85 18.34 37.98
C THR A 465 -13.03 18.67 36.74
N PRO A 466 -13.68 18.81 35.57
CA PRO A 466 -12.94 19.12 34.35
C PRO A 466 -12.19 20.44 34.42
N VAL A 467 -10.85 20.37 34.42
CA VAL A 467 -10.01 21.55 34.57
C VAL A 467 -9.43 22.00 33.22
N SER A 468 -8.94 21.06 32.42
CA SER A 468 -8.30 21.38 31.15
C SER A 468 -8.83 20.47 30.06
N ASP A 469 -8.54 20.84 28.81
CA ASP A 469 -8.99 20.08 27.65
C ASP A 469 -7.95 19.07 27.17
N ARG A 470 -6.66 19.39 27.32
CA ARG A 470 -5.61 18.47 26.90
C ARG A 470 -5.65 17.19 27.71
N VAL A 471 -5.93 17.29 29.01
CA VAL A 471 -6.02 16.10 29.85
C VAL A 471 -7.33 15.36 29.58
N THR A 472 -8.41 16.09 29.32
CA THR A 472 -9.68 15.45 28.97
C THR A 472 -9.54 14.63 27.69
N LYS A 473 -8.85 15.18 26.69
CA LYS A 473 -8.57 14.43 25.47
C LYS A 473 -7.72 13.20 25.79
N CYS A 474 -6.67 13.36 26.60
CA CYS A 474 -5.77 12.26 26.88
C CYS A 474 -6.42 11.20 27.76
N CYS A 475 -7.38 11.58 28.60
CA CYS A 475 -8.04 10.59 29.45
C CYS A 475 -9.04 9.75 28.67
N THR A 476 -9.66 10.32 27.63
CA THR A 476 -10.71 9.63 26.87
C THR A 476 -10.16 8.82 25.69
N GLU A 477 -8.92 9.02 25.30
CA GLU A 477 -8.33 8.25 24.21
C GLU A 477 -8.03 6.83 24.70
N SER A 478 -7.38 6.05 23.83
CA SER A 478 -7.09 4.66 24.15
C SER A 478 -6.10 4.58 25.31
N LEU A 479 -6.34 3.61 26.21
CA LEU A 479 -5.42 3.36 27.30
C LEU A 479 -4.03 2.99 26.81
N VAL A 480 -3.91 2.56 25.55
CA VAL A 480 -2.62 2.13 25.02
C VAL A 480 -1.73 3.33 24.74
N ASN A 481 -2.31 4.49 24.44
CA ASN A 481 -1.54 5.68 24.11
C ASN A 481 -1.73 6.79 25.15
N ARG A 482 -2.10 6.44 26.38
CA ARG A 482 -2.33 7.45 27.41
C ARG A 482 -1.01 8.03 27.92
N ARG A 483 -0.13 7.18 28.44
CA ARG A 483 1.18 7.63 28.87
C ARG A 483 1.96 8.37 27.79
N PRO A 484 1.96 7.94 26.52
CA PRO A 484 2.64 8.75 25.49
C PRO A 484 1.98 10.09 25.23
N CYS A 485 0.64 10.13 25.19
CA CYS A 485 -0.03 11.40 24.89
C CYS A 485 0.10 12.39 26.05
N PHE A 486 0.10 11.90 27.29
CA PHE A 486 0.39 12.77 28.42
C PHE A 486 1.79 13.34 28.31
N SER A 487 2.75 12.50 27.91
CA SER A 487 4.07 12.99 27.53
C SER A 487 3.96 13.78 26.22
N ALA A 488 5.08 14.38 25.83
CA ALA A 488 5.21 15.21 24.62
C ALA A 488 4.21 16.37 24.60
N LEU A 489 3.50 16.60 25.69
CA LEU A 489 2.59 17.74 25.79
C LEU A 489 3.41 18.99 26.07
N GLU A 490 3.46 19.90 25.09
CA GLU A 490 4.26 21.10 25.24
C GLU A 490 3.68 22.00 26.35
N VAL A 491 4.52 22.89 26.86
CA VAL A 491 4.06 23.92 27.77
C VAL A 491 2.84 24.65 27.22
N ASP A 492 1.83 24.83 28.08
CA ASP A 492 0.58 25.41 27.62
C ASP A 492 0.85 26.84 27.13
N GLU A 493 0.59 27.05 25.85
CA GLU A 493 0.78 28.36 25.24
C GLU A 493 -0.40 29.26 25.57
N THR A 494 -0.12 30.55 25.70
CA THR A 494 -1.11 31.57 26.05
C THR A 494 -1.69 31.38 27.45
N TYR A 495 -1.03 30.60 28.30
CA TYR A 495 -1.44 30.55 29.70
C TYR A 495 -1.20 31.91 30.34
N VAL A 496 -2.21 32.42 31.03
CA VAL A 496 -2.14 33.78 31.58
C VAL A 496 -1.41 33.74 32.92
N PRO A 497 -0.42 34.60 33.14
CA PRO A 497 0.23 34.68 34.45
C PRO A 497 -0.78 34.97 35.54
N LYS A 498 -0.80 34.14 36.57
CA LYS A 498 -1.75 34.31 37.66
C LYS A 498 -1.50 35.64 38.38
N GLU A 499 -2.52 36.13 39.06
CA GLU A 499 -2.40 37.36 39.80
C GLU A 499 -1.52 37.16 41.03
N PHE A 500 -0.50 38.00 41.17
CA PHE A 500 0.42 37.89 42.30
C PHE A 500 -0.28 38.28 43.59
N ASN A 501 -0.29 37.38 44.57
CA ASN A 501 -0.84 37.64 45.89
C ASN A 501 0.22 37.25 46.92
N ALA A 502 0.67 38.22 47.71
CA ALA A 502 1.78 38.00 48.62
C ALA A 502 1.41 37.14 49.82
N GLU A 503 0.13 36.84 50.04
CA GLU A 503 -0.25 35.99 51.17
C GLU A 503 0.22 34.55 51.00
N THR A 504 0.46 34.11 49.75
CA THR A 504 1.02 32.78 49.53
C THR A 504 2.51 32.74 49.85
N PHE A 505 3.18 33.89 49.89
CA PHE A 505 4.60 33.98 50.20
C PHE A 505 4.85 34.39 51.64
N THR A 506 3.99 33.93 52.56
CA THR A 506 4.18 34.19 53.99
C THR A 506 4.85 32.99 54.63
N PHE A 507 5.89 33.24 55.41
CA PHE A 507 6.67 32.21 56.06
C PHE A 507 6.58 32.40 57.56
N HIS A 508 6.14 31.36 58.27
CA HIS A 508 5.93 31.40 59.71
C HIS A 508 6.82 30.37 60.38
N ALA A 509 7.19 30.66 61.63
CA ALA A 509 8.12 29.80 62.37
C ALA A 509 7.60 28.38 62.56
N ASP A 510 6.32 28.12 62.23
CA ASP A 510 5.78 26.77 62.34
C ASP A 510 6.51 25.78 61.44
N ILE A 511 7.14 26.26 60.37
CA ILE A 511 7.82 25.33 59.46
C ILE A 511 9.05 24.72 60.12
N CYS A 512 9.70 25.46 61.03
CA CYS A 512 10.76 24.83 61.83
C CYS A 512 10.19 23.78 62.77
N THR A 513 8.95 23.98 63.22
CA THR A 513 8.28 22.99 64.07
C THR A 513 7.56 21.93 63.26
N LEU A 514 7.20 22.21 62.01
CA LEU A 514 6.53 21.23 61.18
C LEU A 514 7.44 20.04 60.91
N SER A 515 6.82 18.87 60.71
CA SER A 515 7.58 17.68 60.37
C SER A 515 8.22 17.83 59.00
N GLU A 516 9.32 17.11 58.79
CA GLU A 516 10.06 17.22 57.53
C GLU A 516 9.18 16.85 56.34
N LYS A 517 8.33 15.83 56.50
CA LYS A 517 7.40 15.48 55.43
C LYS A 517 6.40 16.60 55.20
N GLU A 518 5.92 17.23 56.28
CA GLU A 518 5.05 18.39 56.13
C GLU A 518 5.79 19.57 55.52
N ARG A 519 7.03 19.82 55.97
CA ARG A 519 7.83 20.89 55.41
C ARG A 519 7.93 20.79 53.89
N GLN A 520 8.10 19.57 53.37
CA GLN A 520 8.22 19.39 51.94
C GLN A 520 6.99 19.87 51.20
N ILE A 521 5.80 19.56 51.72
CA ILE A 521 4.56 19.94 51.05
C ILE A 521 4.40 21.46 51.06
N LYS A 522 4.82 22.12 52.14
CA LYS A 522 4.69 23.57 52.21
C LYS A 522 5.62 24.26 51.21
N LYS A 523 6.80 23.69 51.00
CA LYS A 523 7.71 24.23 50.00
C LYS A 523 7.20 23.94 48.58
N GLN A 524 6.64 22.74 48.38
CA GLN A 524 6.22 22.35 47.04
C GLN A 524 4.97 23.12 46.60
N THR A 525 4.03 23.35 47.51
CA THR A 525 2.84 24.11 47.18
C THR A 525 3.20 25.54 46.77
N ALA A 526 4.17 26.14 47.47
CA ALA A 526 4.64 27.46 47.08
C ALA A 526 5.36 27.41 45.74
N LEU A 527 6.03 26.31 45.43
CA LEU A 527 6.70 26.16 44.14
C LEU A 527 5.69 26.13 43.01
N VAL A 528 4.58 25.41 43.19
CA VAL A 528 3.57 25.32 42.14
C VAL A 528 2.91 26.67 41.92
N GLU A 529 2.40 27.29 42.98
CA GLU A 529 1.77 28.60 42.84
C GLU A 529 2.74 29.64 42.32
N LEU A 530 4.04 29.44 42.56
CA LEU A 530 5.04 30.31 41.95
C LEU A 530 5.10 30.10 40.44
N VAL A 531 5.03 28.85 39.99
CA VAL A 531 5.10 28.59 38.55
C VAL A 531 3.89 29.18 37.83
N LYS A 532 2.72 29.11 38.45
CA LYS A 532 1.52 29.68 37.86
C LYS A 532 1.61 31.19 37.68
N HIS A 533 2.58 31.85 38.32
CA HIS A 533 2.84 33.27 38.15
C HIS A 533 4.15 33.45 37.39
N LYS A 534 4.17 34.41 36.46
CA LYS A 534 5.35 34.71 35.66
C LYS A 534 5.90 33.44 35.01
N PRO A 535 5.27 32.94 33.94
CA PRO A 535 5.70 31.66 33.36
C PRO A 535 7.11 31.65 32.82
N LYS A 536 7.80 32.79 32.85
CA LYS A 536 9.21 32.85 32.49
C LYS A 536 10.02 31.88 33.35
N ALA A 537 10.31 30.70 32.82
CA ALA A 537 10.90 29.65 33.62
C ALA A 537 12.27 29.21 33.11
N THR A 538 13.17 30.15 32.86
CA THR A 538 14.55 29.81 32.59
C THR A 538 15.20 29.29 33.87
N LYS A 539 15.92 28.18 33.78
CA LYS A 539 16.43 27.51 34.96
C LYS A 539 17.38 28.37 35.77
N GLU A 540 17.89 29.47 35.21
CA GLU A 540 18.73 30.38 35.98
C GLU A 540 17.94 31.05 37.09
N GLN A 541 16.75 31.57 36.77
CA GLN A 541 15.92 32.21 37.78
C GLN A 541 15.37 31.19 38.76
N LEU A 542 15.05 29.97 38.29
CA LEU A 542 14.55 28.93 39.16
C LEU A 542 15.61 28.50 40.17
N LYS A 543 16.82 28.22 39.68
CA LYS A 543 17.90 27.80 40.58
C LYS A 543 18.25 28.90 41.57
N ALA A 544 18.25 30.15 41.10
CA ALA A 544 18.56 31.27 41.99
C ALA A 544 17.53 31.41 43.10
N VAL A 545 16.24 31.25 42.76
CA VAL A 545 15.20 31.33 43.78
C VAL A 545 15.34 30.16 44.76
N MET A 546 15.63 28.96 44.25
CA MET A 546 15.78 27.81 45.13
C MET A 546 16.99 27.95 46.04
N ASP A 547 18.09 28.51 45.52
CA ASP A 547 19.28 28.70 46.35
C ASP A 547 19.01 29.66 47.49
N ASP A 548 18.46 30.84 47.18
CA ASP A 548 18.30 31.87 48.19
C ASP A 548 17.17 31.52 49.17
N PHE A 549 16.10 30.89 48.68
CA PHE A 549 14.99 30.56 49.58
C PHE A 549 15.35 29.41 50.51
N ALA A 550 16.00 28.37 49.99
CA ALA A 550 16.39 27.25 50.85
C ALA A 550 17.39 27.70 51.91
N ALA A 551 18.27 28.64 51.56
CA ALA A 551 19.19 29.19 52.55
C ALA A 551 18.46 30.09 53.54
N PHE A 552 17.47 30.83 53.06
CA PHE A 552 16.71 31.72 53.95
C PHE A 552 15.92 30.93 54.98
N VAL A 553 15.32 29.81 54.56
CA VAL A 553 14.47 29.05 55.47
C VAL A 553 15.28 28.51 56.64
N GLU A 554 16.45 27.93 56.36
CA GLU A 554 17.25 27.33 57.42
C GLU A 554 17.92 28.40 58.26
N LYS A 555 18.54 29.40 57.62
CA LYS A 555 19.23 30.45 58.38
C LYS A 555 18.28 31.17 59.33
N CYS A 556 17.02 31.36 58.90
CA CYS A 556 16.06 32.01 59.77
C CYS A 556 15.39 31.04 60.74
N CYS A 557 15.47 29.73 60.47
CA CYS A 557 14.98 28.75 61.44
C CYS A 557 15.91 28.60 62.63
N LYS A 558 17.23 28.73 62.40
CA LYS A 558 18.20 28.67 63.49
C LYS A 558 18.30 29.97 64.27
N ALA A 559 17.53 31.00 63.91
CA ALA A 559 17.53 32.24 64.67
C ALA A 559 16.82 32.06 66.00
N ASP A 560 17.23 32.84 67.00
CA ASP A 560 16.62 32.75 68.32
C ASP A 560 15.14 33.13 68.27
N ASP A 561 14.81 34.20 67.56
CA ASP A 561 13.44 34.63 67.35
C ASP A 561 13.14 34.48 65.86
N LYS A 562 12.68 33.29 65.47
CA LYS A 562 12.41 33.02 64.06
C LYS A 562 11.27 33.87 63.52
N GLU A 563 10.34 34.27 64.39
CA GLU A 563 9.21 35.09 63.95
C GLU A 563 9.68 36.40 63.34
N THR A 564 10.78 36.97 63.84
CA THR A 564 11.32 38.19 63.26
C THR A 564 12.12 37.91 62.00
N CYS A 565 12.95 36.86 62.01
CA CYS A 565 13.80 36.58 60.86
C CYS A 565 12.98 36.25 59.62
N PHE A 566 11.88 35.53 59.79
CA PHE A 566 11.07 35.12 58.65
C PHE A 566 10.47 36.34 57.94
N ALA A 567 9.93 37.28 58.71
CA ALA A 567 9.25 38.44 58.12
C ALA A 567 10.22 39.49 57.62
N GLU A 568 11.45 39.55 58.16
CA GLU A 568 12.37 40.59 57.74
C GLU A 568 13.08 40.25 56.44
N GLU A 569 13.43 38.99 56.23
CA GLU A 569 14.09 38.58 55.00
C GLU A 569 13.11 38.08 53.96
N GLY A 570 11.83 37.98 54.29
CA GLY A 570 10.82 37.57 53.33
C GLY A 570 10.70 38.55 52.19
N LYS A 571 10.29 39.79 52.48
CA LYS A 571 10.13 40.79 51.43
C LYS A 571 11.47 41.11 50.77
N LYS A 572 12.58 40.96 51.51
CA LYS A 572 13.90 41.09 50.89
C LYS A 572 14.07 40.11 49.75
N LEU A 573 13.68 38.85 49.97
CA LEU A 573 13.76 37.85 48.91
C LEU A 573 12.61 37.97 47.92
N VAL A 574 11.47 38.52 48.35
CA VAL A 574 10.38 38.77 47.43
C VAL A 574 10.75 39.87 46.45
N ALA A 575 11.28 40.99 46.95
CA ALA A 575 11.82 42.01 46.08
C ALA A 575 12.97 41.48 45.23
N ALA A 576 13.58 40.36 45.63
CA ALA A 576 14.57 39.71 44.78
C ALA A 576 13.90 38.75 43.79
N SER A 577 12.85 38.04 44.23
CA SER A 577 12.07 37.23 43.30
C SER A 577 11.39 38.11 42.26
N GLN A 578 10.77 39.20 42.70
CA GLN A 578 10.27 40.22 41.79
C GLN A 578 11.42 41.15 41.42
N ALA A 579 11.13 42.19 40.63
CA ALA A 579 12.16 43.12 40.16
C ALA A 579 13.33 42.38 39.51
N ALA A 580 13.04 41.23 38.90
CA ALA A 580 14.04 40.41 38.25
C ALA A 580 13.47 39.82 36.97
N LEU A 581 12.43 39.00 37.10
CA LEU A 581 11.70 38.51 35.93
C LEU A 581 11.05 39.67 35.19
N GLN B 1 -12.99 -21.66 7.28
CA GLN B 1 -12.09 -22.32 6.34
C GLN B 1 -12.12 -21.61 4.99
N VAL B 2 -10.95 -21.17 4.52
CA VAL B 2 -10.85 -20.47 3.25
C VAL B 2 -10.97 -21.48 2.12
N GLN B 3 -11.84 -21.18 1.15
CA GLN B 3 -12.09 -22.08 0.03
C GLN B 3 -11.67 -21.39 -1.26
N LEU B 4 -10.70 -21.98 -1.95
CA LEU B 4 -10.22 -21.50 -3.25
C LEU B 4 -10.48 -22.62 -4.25
N VAL B 5 -11.45 -22.40 -5.14
CA VAL B 5 -11.92 -23.43 -6.06
C VAL B 5 -11.63 -22.95 -7.48
N GLU B 6 -10.52 -23.38 -8.04
CA GLU B 6 -10.15 -23.02 -9.41
C GLU B 6 -10.97 -23.85 -10.39
N SER B 7 -11.66 -23.16 -11.30
CA SER B 7 -12.54 -23.81 -12.28
C SER B 7 -12.29 -23.17 -13.65
N GLY B 8 -11.14 -23.47 -14.24
CA GLY B 8 -10.77 -22.98 -15.55
C GLY B 8 -10.94 -24.03 -16.62
N GLY B 9 -10.02 -24.05 -17.59
CA GLY B 9 -10.05 -24.98 -18.68
C GLY B 9 -8.96 -26.03 -18.58
N GLY B 10 -8.98 -26.93 -19.55
CA GLY B 10 -8.03 -28.04 -19.56
C GLY B 10 -7.12 -28.10 -20.77
N LEU B 11 -7.51 -28.89 -21.76
CA LEU B 11 -6.69 -29.10 -22.95
C LEU B 11 -6.92 -27.99 -23.98
N VAL B 12 -5.82 -27.38 -24.43
CA VAL B 12 -5.85 -26.36 -25.47
C VAL B 12 -5.01 -26.85 -26.64
N GLN B 13 -5.52 -26.70 -27.85
CA GLN B 13 -4.81 -27.08 -29.07
C GLN B 13 -4.80 -25.85 -29.99
N THR B 14 -3.64 -25.21 -30.08
CA THR B 14 -3.49 -23.94 -30.78
C THR B 14 -2.98 -24.20 -32.20
N LYS B 15 -3.83 -23.93 -33.20
CA LYS B 15 -3.44 -24.07 -34.59
C LYS B 15 -2.93 -22.73 -35.12
N THR B 16 -1.92 -22.80 -35.99
CA THR B 16 -1.31 -21.62 -36.57
C THR B 16 -0.93 -21.93 -38.01
N THR B 17 -1.44 -21.12 -38.94
CA THR B 17 -1.30 -21.37 -40.38
C THR B 17 -0.42 -20.29 -41.00
N THR B 18 0.63 -20.73 -41.69
CA THR B 18 1.45 -19.87 -42.51
C THR B 18 1.06 -20.08 -43.97
N SER B 19 0.51 -19.06 -44.60
CA SER B 19 0.15 -19.11 -46.01
C SER B 19 1.03 -18.14 -46.78
N VAL B 20 1.74 -18.66 -47.77
CA VAL B 20 2.69 -17.86 -48.54
C VAL B 20 2.00 -17.29 -49.77
N ILE B 21 2.10 -15.97 -49.94
CA ILE B 21 1.53 -15.28 -51.08
C ILE B 21 2.63 -15.01 -52.10
N ASP B 22 2.36 -15.31 -53.35
CA ASP B 22 3.28 -15.04 -54.45
C ASP B 22 2.82 -13.75 -55.13
N THR B 23 3.60 -12.68 -54.97
CA THR B 23 3.28 -11.40 -55.58
C THR B 23 4.52 -10.89 -56.33
N THR B 24 4.53 -9.58 -56.60
CA THR B 24 5.59 -8.95 -57.36
C THR B 24 5.99 -7.64 -56.69
N ASN B 25 7.26 -7.29 -56.83
CA ASN B 25 7.81 -6.09 -56.22
C ASN B 25 7.67 -4.85 -57.11
N ASP B 26 6.78 -4.88 -58.10
CA ASP B 26 6.58 -3.70 -58.92
C ASP B 26 5.83 -2.63 -58.13
N ALA B 27 5.89 -1.39 -58.63
CA ALA B 27 5.42 -0.25 -57.85
C ALA B 27 3.91 -0.27 -57.68
N GLN B 28 3.16 -0.48 -58.76
CA GLN B 28 1.70 -0.38 -58.70
C GLN B 28 1.11 -1.43 -57.76
N ASN B 29 1.78 -2.56 -57.55
CA ASN B 29 1.29 -3.53 -56.58
C ASN B 29 1.51 -3.03 -55.17
N LEU B 30 2.74 -2.68 -54.83
CA LEU B 30 3.04 -2.17 -53.50
C LEU B 30 2.20 -0.95 -53.16
N LEU B 31 1.86 -0.13 -54.16
CA LEU B 31 1.00 1.02 -53.92
C LEU B 31 -0.41 0.57 -53.53
N THR B 32 -0.92 -0.49 -54.16
CA THR B 32 -2.21 -1.02 -53.76
C THR B 32 -2.13 -1.66 -52.37
N GLN B 33 -1.01 -2.32 -52.07
CA GLN B 33 -0.81 -2.85 -50.73
C GLN B 33 -0.81 -1.74 -49.69
N ALA B 34 -0.24 -0.59 -50.04
CA ALA B 34 -0.22 0.54 -49.10
C ALA B 34 -1.59 1.20 -48.99
N GLN B 35 -2.34 1.26 -50.09
CA GLN B 35 -3.69 1.80 -50.02
C GLN B 35 -4.58 0.99 -49.07
N THR B 36 -4.36 -0.33 -49.02
CA THR B 36 -5.13 -1.17 -48.12
C THR B 36 -4.96 -0.71 -46.67
N ILE B 37 -3.70 -0.46 -46.26
CA ILE B 37 -3.44 -0.02 -44.89
C ILE B 37 -4.11 1.31 -44.62
N VAL B 38 -3.78 2.33 -45.43
CA VAL B 38 -4.18 3.70 -45.12
C VAL B 38 -5.70 3.85 -45.21
N ASN B 39 -6.28 3.43 -46.33
CA ASN B 39 -7.72 3.62 -46.53
C ASN B 39 -8.53 2.94 -45.43
N THR B 40 -8.17 1.71 -45.07
CA THR B 40 -8.85 1.03 -43.97
C THR B 40 -8.76 1.82 -42.68
N LEU B 41 -7.63 2.51 -42.47
CA LEU B 41 -7.45 3.26 -41.23
C LEU B 41 -8.31 4.52 -41.21
N LYS B 42 -8.39 5.23 -42.35
CA LYS B 42 -9.21 6.43 -42.39
C LYS B 42 -10.68 6.10 -42.47
N ASP B 43 -11.07 5.29 -43.46
CA ASP B 43 -12.48 5.08 -43.75
C ASP B 43 -13.23 4.44 -42.59
N TYR B 44 -12.53 3.69 -41.74
CA TYR B 44 -13.18 3.04 -40.60
C TYR B 44 -12.75 3.56 -39.25
N CYS B 45 -11.61 4.25 -39.17
CA CYS B 45 -11.31 5.13 -38.05
C CYS B 45 -11.38 4.43 -36.69
N PRO B 46 -10.58 3.38 -36.46
CA PRO B 46 -10.76 2.58 -35.24
C PRO B 46 -10.42 3.34 -33.98
N ILE B 47 -11.01 2.89 -32.88
CA ILE B 47 -10.68 3.41 -31.56
C ILE B 47 -9.28 2.97 -31.18
N LEU B 48 -8.50 3.90 -30.62
CA LEU B 48 -7.18 3.56 -30.12
C LEU B 48 -7.28 2.91 -28.75
N ILE B 49 -6.24 2.14 -28.40
CA ILE B 49 -6.14 1.58 -27.06
C ILE B 49 -5.79 2.70 -26.09
N ALA B 50 -6.57 2.83 -25.02
CA ALA B 50 -6.31 3.81 -23.98
C ALA B 50 -5.38 3.27 -22.91
N LYS B 51 -4.19 2.81 -23.34
CA LYS B 51 -3.16 2.29 -22.44
C LYS B 51 -3.70 1.48 -21.25
N ASN B 61 2.54 8.60 -18.33
CA ASN B 61 3.29 7.44 -18.74
C ASN B 61 4.28 7.81 -19.85
N ALA B 62 5.42 8.40 -19.46
CA ALA B 62 6.44 8.85 -20.40
C ALA B 62 6.85 7.76 -21.38
N ASN B 63 6.88 6.50 -20.91
CA ASN B 63 7.29 5.40 -21.77
C ASN B 63 6.36 5.25 -22.97
N THR B 64 5.05 5.26 -22.71
CA THR B 64 4.12 5.11 -23.81
C THR B 64 4.07 6.42 -24.61
N PRO B 65 3.78 6.36 -25.91
CA PRO B 65 3.83 7.57 -26.74
C PRO B 65 2.91 8.67 -26.24
N SER B 66 3.28 9.91 -26.58
CA SER B 66 2.48 11.07 -26.19
C SER B 66 1.06 10.97 -26.74
N TRP B 67 0.93 10.59 -28.01
CA TRP B 67 -0.40 10.46 -28.62
C TRP B 67 -1.21 9.34 -27.97
N GLN B 68 -0.56 8.40 -27.29
CA GLN B 68 -1.28 7.29 -26.67
C GLN B 68 -2.11 7.78 -25.48
N THR B 69 -1.45 8.40 -24.50
CA THR B 69 -2.19 9.00 -23.39
C THR B 69 -3.13 10.09 -23.87
N ALA B 70 -2.79 10.75 -24.98
CA ALA B 70 -3.63 11.82 -25.52
C ALA B 70 -4.89 11.25 -26.15
N GLY B 71 -4.76 10.65 -27.33
CA GLY B 71 -5.92 10.16 -28.06
C GLY B 71 -6.27 8.71 -27.80
N GLY B 72 -5.85 8.19 -26.65
CA GLY B 72 -6.21 6.83 -26.31
C GLY B 72 -7.68 6.74 -25.91
N GLY B 73 -8.31 5.63 -26.30
CA GLY B 73 -9.71 5.44 -26.03
C GLY B 73 -10.66 6.14 -26.98
N LYS B 74 -10.14 6.96 -27.89
CA LYS B 74 -10.94 7.60 -28.92
C LYS B 74 -10.57 6.99 -30.27
N ASN B 75 -11.30 7.41 -31.31
CA ASN B 75 -11.03 6.95 -32.66
C ASN B 75 -9.65 7.36 -33.13
N SER B 76 -9.17 6.69 -34.18
CA SER B 76 -7.81 6.93 -34.66
C SER B 76 -7.70 8.29 -35.33
N CYS B 77 -8.68 8.66 -36.17
CA CYS B 77 -8.61 9.93 -36.88
C CYS B 77 -8.65 11.12 -35.93
N ALA B 78 -9.15 10.92 -34.71
CA ALA B 78 -9.11 11.99 -33.71
C ALA B 78 -7.67 12.37 -33.39
N THR B 79 -6.74 11.42 -33.49
CA THR B 79 -5.34 11.65 -33.22
C THR B 79 -4.50 11.72 -34.48
N PHE B 80 -4.80 10.89 -35.48
CA PHE B 80 -3.97 10.78 -36.69
C PHE B 80 -4.76 11.15 -37.93
N GLY B 81 -5.60 12.17 -37.82
CA GLY B 81 -6.38 12.62 -38.96
C GLY B 81 -5.51 13.12 -40.09
N ALA B 82 -4.71 14.15 -39.82
CA ALA B 82 -3.82 14.69 -40.84
C ALA B 82 -2.69 13.73 -41.20
N GLU B 83 -2.38 12.77 -40.33
CA GLU B 83 -1.37 11.78 -40.67
C GLU B 83 -1.93 10.77 -41.66
N PHE B 84 -3.19 10.36 -41.49
CA PHE B 84 -3.84 9.52 -42.50
C PHE B 84 -4.00 10.27 -43.81
N SER B 85 -4.36 11.55 -43.74
CA SER B 85 -4.58 12.33 -44.96
C SER B 85 -3.27 12.55 -45.72
N ALA B 86 -2.19 12.87 -45.00
CA ALA B 86 -0.89 13.04 -45.65
C ALA B 86 -0.41 11.72 -46.23
N ALA B 87 -0.70 10.61 -45.54
CA ALA B 87 -0.29 9.29 -46.04
C ALA B 87 -1.05 8.93 -47.31
N SER B 88 -2.37 9.18 -47.32
CA SER B 88 -3.15 8.89 -48.53
C SER B 88 -2.69 9.76 -49.69
N ASP B 89 -2.33 11.02 -49.41
CA ASP B 89 -1.84 11.90 -50.47
C ASP B 89 -0.54 11.36 -51.05
N MET B 90 0.41 10.95 -50.20
CA MET B 90 1.63 10.35 -50.69
C MET B 90 1.34 9.15 -51.58
N ILE B 91 0.37 8.32 -51.20
CA ILE B 91 0.08 7.10 -51.95
C ILE B 91 -0.53 7.44 -53.30
N ASN B 92 -1.55 8.31 -53.30
CA ASN B 92 -2.23 8.64 -54.55
C ASN B 92 -1.32 9.45 -55.47
N ASN B 93 -0.51 10.36 -54.91
CA ASN B 93 0.42 11.10 -55.74
C ASN B 93 1.51 10.17 -56.30
N ALA B 94 2.02 9.26 -55.49
CA ALA B 94 3.01 8.31 -55.99
C ALA B 94 2.41 7.39 -57.05
N GLN B 95 1.12 7.09 -56.94
CA GLN B 95 0.46 6.34 -58.00
C GLN B 95 0.41 7.16 -59.29
N LYS B 96 0.18 8.48 -59.18
CA LYS B 96 0.15 9.31 -60.37
C LYS B 96 1.50 9.36 -61.07
N ILE B 97 2.59 9.33 -60.29
CA ILE B 97 3.89 9.40 -60.94
C ILE B 97 4.27 8.08 -61.57
N VAL B 98 3.68 6.96 -61.14
CA VAL B 98 3.87 5.71 -61.86
C VAL B 98 3.12 5.75 -63.19
N GLN B 99 1.89 6.28 -63.17
CA GLN B 99 1.14 6.45 -64.41
C GLN B 99 1.83 7.42 -65.35
N GLU B 100 2.41 8.50 -64.81
CA GLU B 100 2.98 9.53 -65.65
C GLU B 100 4.34 9.13 -66.23
N THR B 101 5.08 8.24 -65.55
CA THR B 101 6.27 7.68 -66.18
C THR B 101 5.90 6.70 -67.28
N GLN B 102 4.72 6.09 -67.21
CA GLN B 102 4.23 5.29 -68.32
C GLN B 102 4.04 6.17 -69.56
N GLN B 103 3.35 7.30 -69.39
CA GLN B 103 3.20 8.24 -70.50
C GLN B 103 4.53 8.87 -70.90
N LEU B 104 5.44 9.02 -69.95
CA LEU B 104 6.76 9.54 -70.25
C LEU B 104 7.50 8.63 -71.22
N SER B 105 7.66 7.35 -70.85
CA SER B 105 8.32 6.40 -71.72
C SER B 105 7.52 6.12 -72.98
N ALA B 106 6.20 6.32 -72.96
CA ALA B 106 5.39 6.12 -74.15
C ALA B 106 5.71 7.16 -75.21
N ASN B 107 6.00 8.40 -74.80
CA ASN B 107 6.33 9.48 -75.71
C ASN B 107 7.83 9.76 -75.61
N GLN B 108 8.60 9.05 -76.42
CA GLN B 108 10.05 9.25 -76.51
C GLN B 108 10.37 9.93 -77.82
N PRO B 109 10.87 11.17 -77.82
CA PRO B 109 11.19 11.84 -79.08
C PRO B 109 12.37 11.19 -79.77
N LYS B 110 12.60 11.62 -81.02
CA LYS B 110 13.56 11.00 -81.91
C LYS B 110 14.49 12.07 -82.49
N ASN B 111 15.69 11.65 -82.87
CA ASN B 111 16.66 12.58 -83.42
C ASN B 111 16.35 12.89 -84.89
N ILE B 112 16.84 14.04 -85.34
CA ILE B 112 16.74 14.41 -86.75
C ILE B 112 17.79 13.64 -87.53
N THR B 113 17.33 12.78 -88.44
CA THR B 113 18.25 11.92 -89.17
C THR B 113 18.84 12.64 -90.38
N GLN B 114 17.99 13.00 -91.35
CA GLN B 114 18.45 13.67 -92.56
C GLN B 114 18.38 15.18 -92.38
N PRO B 115 19.51 15.89 -92.30
CA PRO B 115 19.44 17.34 -92.13
C PRO B 115 18.91 18.06 -93.37
N HIS B 116 19.15 17.52 -94.57
CA HIS B 116 18.73 18.15 -95.83
C HIS B 116 17.90 17.16 -96.61
N ASN B 117 16.59 17.13 -96.36
CA ASN B 117 15.72 16.21 -97.07
C ASN B 117 14.26 16.61 -96.84
N LEU B 118 13.42 16.26 -97.82
CA LEU B 118 11.98 16.43 -97.70
C LEU B 118 11.20 15.13 -97.90
N ASN B 119 11.81 14.11 -98.53
CA ASN B 119 11.20 12.80 -98.63
C ASN B 119 10.88 12.28 -97.23
N LEU B 120 11.89 11.88 -96.48
CA LEU B 120 11.74 11.78 -95.04
C LEU B 120 11.89 13.17 -94.43
N ASN B 121 11.64 13.25 -93.12
CA ASN B 121 11.58 14.54 -92.41
C ASN B 121 10.53 15.45 -93.05
N SER B 122 9.38 14.87 -93.37
CA SER B 122 8.27 15.61 -93.95
C SER B 122 7.66 16.53 -92.89
N PRO B 123 6.80 17.48 -93.30
CA PRO B 123 6.11 18.31 -92.30
C PRO B 123 5.35 17.52 -91.26
N SER B 124 4.80 16.36 -91.62
CA SER B 124 4.06 15.56 -90.64
C SER B 124 4.99 14.92 -89.62
N SER B 125 6.18 14.52 -90.05
CA SER B 125 7.13 13.90 -89.11
C SER B 125 7.67 14.91 -88.12
N LEU B 126 7.98 16.12 -88.58
CA LEU B 126 8.44 17.16 -87.66
C LEU B 126 7.33 17.60 -86.71
N THR B 127 6.08 17.58 -87.17
CA THR B 127 4.97 17.90 -86.29
C THR B 127 4.83 16.86 -85.18
N ALA B 128 4.87 15.58 -85.56
CA ALA B 128 4.78 14.52 -84.55
C ALA B 128 5.98 14.51 -83.64
N LEU B 129 7.16 14.88 -84.14
CA LEU B 129 8.35 14.89 -83.30
C LEU B 129 8.30 16.02 -82.29
N ALA B 130 7.85 17.21 -82.70
CA ALA B 130 7.69 18.31 -81.76
C ALA B 130 6.63 17.99 -80.71
N GLN B 131 5.60 17.24 -81.11
CA GLN B 131 4.61 16.77 -80.13
C GLN B 131 5.26 15.84 -79.13
N LYS B 132 6.10 14.92 -79.60
CA LYS B 132 6.78 13.99 -78.70
C LYS B 132 7.76 14.72 -77.80
N MET B 133 8.36 15.82 -78.28
CA MET B 133 9.25 16.63 -77.45
C MET B 133 8.49 17.21 -76.26
N LEU B 134 7.41 17.94 -76.52
CA LEU B 134 6.72 18.66 -75.46
C LEU B 134 5.89 17.73 -74.58
N LYS B 135 5.33 16.64 -75.13
CA LYS B 135 4.68 15.65 -74.28
C LYS B 135 5.67 14.98 -73.34
N ASN B 136 6.90 14.75 -73.81
CA ASN B 136 7.94 14.20 -72.94
C ASN B 136 8.31 15.18 -71.84
N ALA B 137 8.41 16.47 -72.18
CA ALA B 137 8.81 17.47 -71.20
C ALA B 137 7.69 17.75 -70.20
N GLN B 138 6.44 17.73 -70.66
CA GLN B 138 5.31 17.95 -69.76
C GLN B 138 5.19 16.82 -68.75
N SER B 139 5.32 15.57 -69.20
CA SER B 139 5.29 14.44 -68.29
C SER B 139 6.42 14.52 -67.27
N GLN B 140 7.62 14.91 -67.73
CA GLN B 140 8.74 15.07 -66.81
C GLN B 140 8.47 16.14 -65.77
N ALA B 141 7.86 17.25 -66.18
CA ALA B 141 7.58 18.33 -65.24
C ALA B 141 6.54 17.91 -64.21
N GLU B 142 5.56 17.10 -64.61
CA GLU B 142 4.49 16.74 -63.69
C GLU B 142 5.00 15.82 -62.58
N ILE B 143 5.84 14.83 -62.93
CA ILE B 143 6.34 13.92 -61.91
C ILE B 143 7.40 14.55 -61.04
N LEU B 144 8.06 15.62 -61.50
CA LEU B 144 8.91 16.38 -60.61
C LEU B 144 8.08 17.19 -59.62
N LYS B 145 6.98 17.78 -60.08
CA LYS B 145 6.06 18.45 -59.17
C LYS B 145 5.48 17.46 -58.16
N LEU B 146 5.04 16.30 -58.65
CA LEU B 146 4.45 15.30 -57.77
C LEU B 146 5.47 14.72 -56.80
N ALA B 147 6.75 14.66 -57.19
CA ALA B 147 7.78 14.16 -56.29
C ALA B 147 7.99 15.10 -55.12
N ASN B 148 8.13 16.40 -55.39
CA ASN B 148 8.20 17.38 -54.32
C ASN B 148 6.88 17.49 -53.56
N GLN B 149 5.78 17.05 -54.17
CA GLN B 149 4.50 17.07 -53.48
C GLN B 149 4.45 16.04 -52.36
N VAL B 150 4.92 14.81 -52.63
CA VAL B 150 4.97 13.81 -51.59
C VAL B 150 6.07 14.12 -50.57
N GLU B 151 7.08 14.89 -50.97
CA GLU B 151 8.09 15.33 -50.01
C GLU B 151 7.46 16.24 -48.97
N SER B 152 6.60 17.17 -49.40
CA SER B 152 5.89 18.02 -48.46
C SER B 152 4.88 17.22 -47.64
N ASP B 153 4.22 16.24 -48.27
CA ASP B 153 3.30 15.39 -47.54
C ASP B 153 4.01 14.52 -46.50
N PHE B 154 5.31 14.25 -46.69
CA PHE B 154 6.06 13.53 -45.67
C PHE B 154 6.45 14.44 -44.52
N ASN B 155 6.83 15.68 -44.82
CA ASN B 155 7.05 16.64 -43.75
C ASN B 155 5.78 16.89 -42.95
N LYS B 156 4.62 16.73 -43.58
CA LYS B 156 3.36 16.86 -42.87
C LYS B 156 3.05 15.61 -42.05
N LEU B 157 3.40 14.43 -42.57
CA LEU B 157 3.17 13.20 -41.82
C LEU B 157 4.11 13.11 -40.63
N SER B 158 5.34 13.56 -40.79
CA SER B 158 6.24 13.72 -39.66
C SER B 158 5.95 15.04 -38.95
N SER B 159 6.72 15.32 -37.90
CA SER B 159 6.59 16.57 -37.14
C SER B 159 5.14 16.81 -36.71
N GLY B 160 4.49 15.76 -36.23
CA GLY B 160 3.12 15.87 -35.77
C GLY B 160 2.88 15.07 -34.50
N HIS B 161 2.24 13.92 -34.62
CA HIS B 161 2.09 12.98 -33.52
C HIS B 161 3.12 11.86 -33.56
N LEU B 162 3.62 11.54 -34.76
CA LEU B 162 4.60 10.48 -35.00
C LEU B 162 6.00 11.03 -35.27
N LYS B 163 6.28 12.24 -34.75
CA LYS B 163 7.66 12.76 -34.82
C LYS B 163 8.38 12.04 -33.69
N ASP B 164 9.70 11.93 -33.74
CA ASP B 164 10.44 11.11 -32.72
C ASP B 164 9.77 9.73 -32.62
N TYR B 165 9.13 9.26 -33.70
CA TYR B 165 8.54 7.89 -33.77
C TYR B 165 8.87 7.39 -35.16
N ILE B 166 8.23 7.96 -36.20
CA ILE B 166 8.64 7.62 -37.55
C ILE B 166 10.04 8.17 -37.81
N GLY B 167 10.86 7.40 -38.52
CA GLY B 167 12.19 7.82 -38.86
C GLY B 167 13.25 7.47 -37.85
N LYS B 168 12.86 6.99 -36.66
CA LYS B 168 13.81 6.51 -35.66
C LYS B 168 13.49 5.05 -35.37
N CYS B 169 14.53 4.25 -35.17
CA CYS B 169 14.36 2.80 -35.06
C CYS B 169 14.65 2.26 -33.66
N ASP B 170 15.72 2.72 -33.02
CA ASP B 170 16.10 2.30 -31.67
C ASP B 170 16.31 0.78 -31.66
N ASN B 183 11.24 -13.66 -25.72
CA ASN B 183 11.89 -12.79 -26.69
C ASN B 183 12.52 -11.60 -25.99
N GLN B 184 12.27 -10.40 -26.52
CA GLN B 184 12.86 -9.17 -26.00
C GLN B 184 11.83 -8.06 -26.13
N LYS B 185 12.31 -6.81 -26.08
CA LYS B 185 11.43 -5.65 -26.21
C LYS B 185 11.04 -5.44 -27.66
N ASN B 186 9.74 -5.31 -27.92
CA ASN B 186 9.26 -5.06 -29.26
C ASN B 186 9.69 -3.68 -29.74
N ASN B 187 9.78 -3.53 -31.07
CA ASN B 187 10.14 -2.26 -31.67
C ASN B 187 8.92 -1.52 -32.26
N TRP B 188 7.73 -1.80 -31.72
CA TRP B 188 6.55 -1.03 -32.08
C TRP B 188 6.72 0.43 -31.64
N GLY B 189 5.81 1.27 -32.12
CA GLY B 189 5.85 2.68 -31.82
C GLY B 189 6.89 3.48 -32.58
N ASN B 190 7.88 2.82 -33.18
CA ASN B 190 8.90 3.48 -33.97
C ASN B 190 8.64 3.24 -35.46
N GLY B 191 9.14 4.15 -36.28
CA GLY B 191 9.03 3.99 -37.72
C GLY B 191 9.78 2.77 -38.20
N CYS B 192 11.09 2.75 -37.98
CA CYS B 192 11.96 1.62 -38.33
C CYS B 192 11.78 1.23 -39.80
N ALA B 193 11.52 2.21 -40.65
CA ALA B 193 11.24 1.98 -42.06
C ALA B 193 12.20 2.74 -42.98
N GLY B 194 13.20 3.41 -42.42
CA GLY B 194 14.21 4.06 -43.22
C GLY B 194 13.76 5.30 -43.98
N VAL B 195 12.69 5.95 -43.51
CA VAL B 195 12.12 7.08 -44.25
C VAL B 195 13.05 8.29 -44.23
N GLU B 196 13.93 8.41 -43.24
CA GLU B 196 14.87 9.53 -43.23
C GLU B 196 15.90 9.38 -44.33
N GLU B 197 16.27 8.14 -44.64
CA GLU B 197 17.29 7.90 -45.66
C GLU B 197 16.70 8.09 -47.05
N THR B 198 15.52 7.51 -47.29
CA THR B 198 14.86 7.67 -48.58
C THR B 198 14.55 9.13 -48.86
N GLN B 199 14.11 9.87 -47.84
CA GLN B 199 13.82 11.29 -48.02
C GLN B 199 15.07 12.07 -48.40
N SER B 200 16.20 11.79 -47.74
CA SER B 200 17.43 12.50 -48.05
C SER B 200 17.87 12.22 -49.49
N LEU B 201 17.64 10.99 -49.96
CA LEU B 201 17.92 10.69 -51.37
C LEU B 201 16.94 11.42 -52.27
N LEU B 202 15.68 11.54 -51.85
CA LEU B 202 14.70 12.29 -52.63
C LEU B 202 15.06 13.76 -52.74
N LYS B 203 15.59 14.33 -51.65
CA LYS B 203 16.05 15.72 -51.67
C LYS B 203 17.13 15.93 -52.71
N THR B 204 18.20 15.13 -52.63
CA THR B 204 19.30 15.26 -53.58
C THR B 204 18.83 14.92 -54.99
N SER B 205 17.93 13.95 -55.12
CA SER B 205 17.45 13.54 -56.43
C SER B 205 16.70 14.66 -57.12
N ALA B 206 15.70 15.24 -56.42
CA ALA B 206 14.96 16.36 -56.99
C ALA B 206 15.80 17.62 -57.08
N ALA B 207 16.93 17.69 -56.37
CA ALA B 207 17.79 18.85 -56.46
C ALA B 207 18.51 18.90 -57.81
N ASP B 208 19.06 17.76 -58.24
CA ASP B 208 19.75 17.72 -59.53
C ASP B 208 18.77 17.91 -60.68
N PHE B 209 17.55 17.39 -60.55
CA PHE B 209 16.58 17.50 -61.63
C PHE B 209 16.02 18.91 -61.74
N ASN B 210 15.78 19.57 -60.59
CA ASN B 210 15.39 20.97 -60.62
C ASN B 210 16.48 21.85 -61.20
N ASN B 211 17.74 21.41 -61.14
CA ASN B 211 18.83 22.12 -61.79
C ASN B 211 18.82 21.93 -63.30
N GLN B 212 18.22 20.85 -63.79
CA GLN B 212 18.04 20.62 -65.22
C GLN B 212 16.82 21.33 -65.77
N THR B 213 16.15 22.15 -64.96
CA THR B 213 14.98 22.88 -65.45
C THR B 213 15.28 23.85 -66.59
N PRO B 214 16.40 24.58 -66.60
CA PRO B 214 16.69 25.40 -67.79
C PRO B 214 16.73 24.61 -69.09
N GLN B 215 17.24 23.38 -69.06
CA GLN B 215 17.31 22.57 -70.27
C GLN B 215 15.92 22.13 -70.72
N ILE B 216 15.07 21.69 -69.79
CA ILE B 216 13.75 21.20 -70.19
C ILE B 216 12.85 22.36 -70.62
N ASN B 217 13.07 23.57 -70.08
CA ASN B 217 12.31 24.72 -70.54
C ASN B 217 12.72 25.15 -71.94
N GLN B 218 14.00 24.97 -72.28
CA GLN B 218 14.45 25.31 -73.63
C GLN B 218 13.93 24.30 -74.65
N ALA B 219 13.89 23.01 -74.28
CA ALA B 219 13.32 22.00 -75.16
C ALA B 219 11.82 22.21 -75.34
N GLN B 220 11.14 22.65 -74.28
CA GLN B 220 9.73 22.99 -74.40
C GLN B 220 9.50 24.09 -75.42
N ASN B 221 10.22 25.20 -75.28
CA ASN B 221 10.03 26.34 -76.18
C ASN B 221 10.47 26.01 -77.59
N LEU B 222 11.57 25.26 -77.73
CA LEU B 222 12.07 24.92 -79.06
C LEU B 222 11.02 24.15 -79.85
N ALA B 223 10.38 23.18 -79.22
CA ALA B 223 9.28 22.47 -79.87
C ALA B 223 8.14 23.41 -80.21
N ASN B 224 7.90 24.43 -79.38
CA ASN B 224 6.83 25.38 -79.64
C ASN B 224 7.18 26.35 -80.75
N THR B 225 8.47 26.61 -80.98
CA THR B 225 8.85 27.39 -82.16
C THR B 225 8.65 26.58 -83.44
N LEU B 226 8.93 25.28 -83.38
CA LEU B 226 8.83 24.44 -84.58
C LEU B 226 7.38 24.28 -85.01
N ILE B 227 6.46 24.08 -84.07
CA ILE B 227 5.05 23.92 -84.43
C ILE B 227 4.53 25.18 -85.10
N GLN B 228 5.14 26.33 -84.83
CA GLN B 228 4.79 27.55 -85.55
C GLN B 228 5.53 27.65 -86.87
N GLU B 229 6.78 27.18 -86.92
CA GLU B 229 7.55 27.22 -88.16
C GLU B 229 6.98 26.28 -89.21
N LEU B 230 6.21 25.26 -88.79
CA LEU B 230 5.54 24.41 -89.77
C LEU B 230 4.43 25.13 -90.51
N GLY B 231 3.92 26.23 -89.96
CA GLY B 231 2.98 27.06 -90.70
C GLY B 231 3.63 27.83 -91.82
N ASN B 232 4.94 28.08 -91.73
CA ASN B 232 5.66 28.75 -92.80
C ASN B 232 5.71 27.87 -94.04
N ASN B 233 6.02 28.50 -95.17
CA ASN B 233 6.10 27.77 -96.44
C ASN B 233 7.17 26.68 -96.36
N THR B 234 6.91 25.57 -97.04
CA THR B 234 7.78 24.40 -96.97
C THR B 234 9.19 24.72 -97.47
N TYR B 235 9.34 25.05 -98.75
CA TYR B 235 10.67 25.34 -99.29
C TYR B 235 11.30 26.53 -98.58
N GLU B 236 10.49 27.54 -98.26
CA GLU B 236 11.01 28.75 -97.62
C GLU B 236 11.59 28.44 -96.25
N GLN B 237 10.84 27.71 -95.42
CA GLN B 237 11.33 27.42 -94.07
C GLN B 237 12.44 26.38 -94.09
N LEU B 238 12.32 25.37 -94.96
CA LEU B 238 13.41 24.41 -95.10
C LEU B 238 14.71 25.08 -95.51
N SER B 239 14.63 26.19 -96.26
CA SER B 239 15.84 26.90 -96.66
C SER B 239 16.67 27.33 -95.45
N ARG B 240 16.03 27.92 -94.46
CA ARG B 240 16.73 28.31 -93.24
C ARG B 240 16.90 27.16 -92.26
N LEU B 241 16.07 26.12 -92.37
CA LEU B 241 16.24 24.95 -91.51
C LEU B 241 17.42 24.08 -91.96
N LEU B 242 17.68 24.02 -93.26
CA LEU B 242 18.85 23.29 -93.74
C LEU B 242 20.14 23.96 -93.28
N THR B 243 20.14 25.28 -93.15
CA THR B 243 21.32 26.02 -92.76
C THR B 243 21.25 26.46 -91.30
N THR B 252 22.00 27.40 -85.67
CA THR B 252 20.84 26.96 -86.45
C THR B 252 20.03 25.92 -85.68
N SER B 253 18.73 25.88 -85.93
CA SER B 253 17.84 24.92 -85.28
C SER B 253 17.86 23.55 -85.97
N ALA B 254 19.04 23.12 -86.42
CA ALA B 254 19.19 21.79 -87.03
C ALA B 254 19.69 20.82 -85.96
N GLN B 255 20.93 21.04 -85.49
CA GLN B 255 21.45 20.25 -84.38
C GLN B 255 20.83 20.66 -83.05
N ALA B 256 20.21 21.84 -82.99
CA ALA B 256 19.59 22.31 -81.75
C ALA B 256 18.53 21.32 -81.27
N ILE B 257 17.67 20.87 -82.19
CA ILE B 257 16.69 19.84 -81.86
C ILE B 257 17.39 18.59 -81.37
N ASN B 258 18.39 18.13 -82.14
CA ASN B 258 19.13 16.92 -81.78
C ASN B 258 19.72 17.04 -80.38
N GLN B 259 20.44 18.13 -80.11
CA GLN B 259 20.93 18.40 -78.76
C GLN B 259 19.80 18.32 -77.75
N ALA B 260 18.76 19.15 -77.94
CA ALA B 260 17.66 19.21 -76.97
C ALA B 260 17.00 17.85 -76.80
N VAL B 261 16.77 17.12 -77.89
CA VAL B 261 16.16 15.79 -77.79
C VAL B 261 17.09 14.85 -77.03
N ASN B 262 18.40 15.06 -77.12
CA ASN B 262 19.35 14.16 -76.46
C ASN B 262 19.26 14.27 -74.94
N ASN B 263 19.38 15.48 -74.39
CA ASN B 263 19.29 15.59 -72.93
C ASN B 263 17.88 15.31 -72.44
N LEU B 264 16.88 15.43 -73.31
CA LEU B 264 15.50 15.12 -72.90
C LEU B 264 15.31 13.61 -72.74
N ASN B 265 15.96 12.82 -73.59
CA ASN B 265 15.87 11.37 -73.44
C ASN B 265 16.78 10.85 -72.33
N GLU B 266 17.98 11.43 -72.19
CA GLU B 266 18.85 11.06 -71.08
C GLU B 266 18.19 11.37 -69.75
N ARG B 267 17.39 12.43 -69.68
CA ARG B 267 16.71 12.77 -68.45
C ARG B 267 15.59 11.78 -68.15
N ALA B 268 14.80 11.42 -69.16
CA ALA B 268 13.68 10.50 -68.94
C ALA B 268 14.14 9.09 -68.59
N LYS B 269 15.37 8.73 -68.94
CA LYS B 269 15.86 7.39 -68.64
C LYS B 269 16.13 7.24 -67.14
N THR B 270 16.91 8.16 -66.57
CA THR B 270 17.16 8.14 -65.13
C THR B 270 15.94 8.55 -64.33
N LEU B 271 15.02 9.30 -64.93
CA LEU B 271 13.80 9.70 -64.23
C LEU B 271 12.85 8.52 -64.02
N ALA B 272 12.84 7.56 -64.95
CA ALA B 272 12.02 6.37 -64.83
C ALA B 272 12.83 5.17 -64.36
N GLY B 273 13.90 4.84 -65.08
CA GLY B 273 14.72 3.69 -64.73
C GLY B 273 15.65 3.86 -63.56
N GLY B 274 15.86 5.10 -63.11
CA GLY B 274 16.77 5.34 -62.02
C GLY B 274 16.20 4.92 -60.67
N THR B 275 17.10 4.73 -59.72
CA THR B 275 16.70 4.43 -58.34
C THR B 275 17.01 5.61 -57.44
N THR B 276 18.26 5.73 -56.99
CA THR B 276 18.68 6.86 -56.18
C THR B 276 18.72 8.16 -56.98
N ASN B 277 18.73 8.08 -58.32
CA ASN B 277 18.77 9.26 -59.15
C ASN B 277 17.40 9.76 -59.57
N SER B 278 16.36 8.95 -59.42
CA SER B 278 15.03 9.31 -59.88
C SER B 278 14.24 9.93 -58.73
N PRO B 279 13.79 11.17 -58.84
CA PRO B 279 12.82 11.68 -57.85
C PRO B 279 11.53 10.89 -57.84
N ALA B 280 11.18 10.25 -58.97
CA ALA B 280 9.97 9.44 -59.01
C ALA B 280 10.15 8.11 -58.30
N TYR B 281 11.37 7.56 -58.31
CA TYR B 281 11.62 6.32 -57.57
C TYR B 281 11.71 6.61 -56.07
N GLN B 282 12.44 7.66 -55.69
CA GLN B 282 12.56 8.01 -54.28
C GLN B 282 11.25 8.53 -53.70
N ALA B 283 10.36 9.04 -54.54
CA ALA B 283 9.04 9.48 -54.06
C ALA B 283 8.13 8.29 -53.79
N THR B 284 8.05 7.35 -54.74
CA THR B 284 7.28 6.13 -54.50
C THR B 284 7.87 5.32 -53.35
N LEU B 285 9.20 5.24 -53.28
CA LEU B 285 9.83 4.52 -52.18
C LEU B 285 9.55 5.18 -50.84
N LEU B 286 9.45 6.51 -50.82
CA LEU B 286 9.12 7.22 -49.59
C LEU B 286 7.68 6.99 -49.19
N ALA B 287 6.76 6.95 -50.15
CA ALA B 287 5.36 6.75 -49.84
C ALA B 287 5.10 5.35 -49.30
N LEU B 288 5.84 4.35 -49.77
CA LEU B 288 5.66 2.99 -49.29
C LEU B 288 6.29 2.80 -47.92
N ARG B 289 7.53 3.27 -47.75
CA ARG B 289 8.20 3.15 -46.46
C ARG B 289 7.48 3.94 -45.38
N SER B 290 6.87 5.07 -45.74
CA SER B 290 6.13 5.86 -44.76
C SER B 290 4.85 5.16 -44.34
N VAL B 291 4.19 4.44 -45.25
CA VAL B 291 3.00 3.69 -44.87
C VAL B 291 3.39 2.51 -43.98
N LEU B 292 4.56 1.92 -44.22
CA LEU B 292 5.11 0.96 -43.27
C LEU B 292 5.44 1.62 -41.94
N GLY B 293 5.93 2.86 -42.00
CA GLY B 293 6.34 3.54 -40.78
C GLY B 293 5.17 3.84 -39.85
N LEU B 294 4.07 4.35 -40.41
CA LEU B 294 2.95 4.72 -39.55
C LEU B 294 2.29 3.50 -38.94
N TRP B 295 2.27 2.37 -39.64
CA TRP B 295 1.70 1.17 -39.05
C TRP B 295 2.62 0.59 -37.99
N ASN B 296 3.94 0.66 -38.22
CA ASN B 296 4.89 0.25 -37.20
C ASN B 296 4.82 1.15 -35.97
N SER B 297 4.48 2.42 -36.15
CA SER B 297 4.45 3.39 -35.07
C SER B 297 3.13 3.40 -34.31
N MET B 298 2.03 3.05 -34.97
CA MET B 298 0.70 3.24 -34.41
C MET B 298 -0.21 2.02 -34.52
N GLY B 299 0.02 1.12 -35.47
CA GLY B 299 -0.89 0.02 -35.72
C GLY B 299 -1.18 -0.86 -34.52
N TYR B 300 -0.25 -0.94 -33.56
CA TYR B 300 -0.47 -1.82 -32.41
C TYR B 300 -1.63 -1.34 -31.54
N ALA B 301 -1.87 -0.04 -31.48
CA ALA B 301 -2.94 0.51 -30.66
C ALA B 301 -4.31 0.35 -31.30
N VAL B 302 -4.37 -0.02 -32.58
CA VAL B 302 -5.65 -0.10 -33.29
C VAL B 302 -6.46 -1.26 -32.75
N ILE B 303 -7.70 -0.98 -32.35
CA ILE B 303 -8.58 -2.00 -31.80
C ILE B 303 -9.21 -2.80 -32.93
N CYS B 304 -9.13 -4.12 -32.83
CA CYS B 304 -9.70 -5.02 -33.81
C CYS B 304 -10.50 -6.10 -33.09
N GLY B 305 -11.19 -6.92 -33.87
CA GLY B 305 -12.02 -7.98 -33.33
C GLY B 305 -13.48 -7.64 -33.14
N GLY B 306 -13.92 -6.48 -33.63
CA GLY B 306 -15.32 -6.11 -33.45
C GLY B 306 -16.25 -7.09 -34.14
N TYR B 307 -17.33 -7.43 -33.47
CA TYR B 307 -18.28 -8.40 -34.02
C TYR B 307 -19.13 -7.76 -35.10
N THR B 308 -19.47 -8.55 -36.11
CA THR B 308 -20.44 -8.15 -37.13
C THR B 308 -21.81 -8.78 -36.90
N LYS B 309 -21.84 -10.07 -36.56
CA LYS B 309 -23.05 -10.78 -36.18
C LYS B 309 -22.73 -11.60 -34.92
N SER B 310 -23.74 -12.34 -34.43
CA SER B 310 -23.62 -13.18 -33.24
C SER B 310 -22.85 -12.45 -32.13
N PRO B 311 -23.48 -11.45 -31.49
CA PRO B 311 -22.77 -10.61 -30.51
C PRO B 311 -21.99 -11.42 -29.47
N GLY B 312 -20.67 -11.26 -29.47
CA GLY B 312 -19.81 -12.02 -28.58
C GLY B 312 -19.02 -13.12 -29.26
N GLU B 313 -19.15 -13.28 -30.59
CA GLU B 313 -18.37 -14.27 -31.31
C GLU B 313 -16.90 -14.11 -30.98
N ASN B 314 -16.27 -15.21 -30.54
CA ASN B 314 -14.89 -15.14 -30.08
C ASN B 314 -13.99 -14.51 -31.14
N ASN B 315 -13.90 -15.13 -32.31
CA ASN B 315 -13.12 -14.60 -33.43
C ASN B 315 -11.70 -14.26 -33.04
N GLN B 316 -11.20 -14.84 -31.95
CA GLN B 316 -9.89 -14.50 -31.42
C GLN B 316 -8.84 -15.11 -32.32
N LYS B 317 -8.30 -14.30 -33.23
CA LYS B 317 -7.24 -14.71 -34.14
C LYS B 317 -6.02 -13.86 -33.84
N ASP B 318 -4.89 -14.51 -33.55
CA ASP B 318 -3.65 -13.80 -33.30
C ASP B 318 -2.88 -13.63 -34.61
N PHE B 319 -2.49 -12.38 -34.89
CA PHE B 319 -1.80 -12.04 -36.13
C PHE B 319 -0.31 -11.88 -35.82
N HIS B 320 0.49 -12.78 -36.37
CA HIS B 320 1.92 -12.82 -36.07
C HIS B 320 2.68 -11.81 -36.92
N TYR B 321 3.64 -11.13 -36.29
CA TYR B 321 4.48 -10.12 -36.94
C TYR B 321 5.93 -10.52 -36.67
N THR B 322 6.51 -11.29 -37.59
CA THR B 322 7.90 -11.73 -37.46
C THR B 322 8.78 -10.82 -38.32
N ASP B 323 9.56 -9.97 -37.67
CA ASP B 323 10.46 -9.08 -38.38
C ASP B 323 11.60 -9.88 -39.02
N GLU B 324 12.46 -9.18 -39.75
CA GLU B 324 13.42 -9.85 -40.63
C GLU B 324 14.55 -10.55 -39.87
N ASN B 325 14.85 -10.13 -38.65
CA ASN B 325 15.98 -10.72 -37.93
C ASN B 325 15.59 -11.87 -37.02
N GLY B 326 14.31 -12.27 -37.00
CA GLY B 326 13.84 -13.43 -36.27
C GLY B 326 12.95 -13.11 -35.09
N ASN B 327 13.16 -11.95 -34.46
CA ASN B 327 12.37 -11.57 -33.28
C ASN B 327 10.93 -11.29 -33.70
N GLY B 328 10.03 -12.20 -33.38
CA GLY B 328 8.64 -12.09 -33.78
C GLY B 328 7.74 -11.65 -32.63
N THR B 329 6.82 -10.75 -32.94
CA THR B 329 5.76 -10.34 -32.03
C THR B 329 4.44 -10.97 -32.48
N THR B 330 3.36 -10.60 -31.80
CA THR B 330 2.03 -11.09 -32.16
C THR B 330 1.00 -10.11 -31.61
N ILE B 331 -0.08 -9.93 -32.36
CA ILE B 331 -1.19 -9.07 -31.96
C ILE B 331 -2.42 -9.94 -31.81
N ASN B 332 -3.04 -9.87 -30.62
CA ASN B 332 -4.29 -10.58 -30.36
C ASN B 332 -5.44 -9.66 -30.71
N CYS B 333 -6.23 -10.05 -31.72
CA CYS B 333 -7.26 -9.18 -32.26
C CYS B 333 -8.61 -9.39 -31.57
N GLY B 334 -9.28 -10.49 -31.89
CA GLY B 334 -10.60 -10.75 -31.36
C GLY B 334 -10.56 -11.12 -29.88
N GLY B 335 -11.70 -11.58 -29.40
CA GLY B 335 -11.84 -11.97 -28.01
C GLY B 335 -13.06 -12.84 -27.76
N THR B 348 -17.17 -9.20 -22.99
CA THR B 348 -16.72 -7.96 -22.35
C THR B 348 -15.57 -7.33 -23.13
N ASN B 349 -15.11 -8.03 -24.16
CA ASN B 349 -14.09 -7.51 -25.07
C ASN B 349 -14.55 -7.50 -26.52
N THR B 350 -15.74 -8.00 -26.82
CA THR B 350 -16.27 -8.06 -28.17
C THR B 350 -17.36 -7.00 -28.32
N LEU B 351 -17.13 -6.03 -29.20
CA LEU B 351 -18.12 -5.03 -29.54
C LEU B 351 -18.32 -5.00 -31.05
N LYS B 352 -18.98 -3.98 -31.58
CA LYS B 352 -19.32 -3.99 -33.00
C LYS B 352 -18.12 -3.63 -33.86
N ALA B 353 -18.22 -3.93 -35.15
CA ALA B 353 -17.19 -3.61 -36.13
C ALA B 353 -17.73 -2.53 -37.07
N ASP B 354 -17.84 -1.32 -36.53
CA ASP B 354 -18.32 -0.17 -37.28
C ASP B 354 -17.21 0.86 -37.42
N LYS B 355 -17.50 1.93 -38.17
CA LYS B 355 -16.57 3.04 -38.24
C LYS B 355 -16.54 3.76 -36.90
N ASN B 356 -15.33 4.10 -36.46
CA ASN B 356 -15.08 4.63 -35.12
C ASN B 356 -15.37 3.61 -34.02
N VAL B 357 -15.59 2.34 -34.39
CA VAL B 357 -15.88 1.28 -33.42
C VAL B 357 -15.13 0.03 -33.84
N SER B 358 -13.85 -0.06 -33.46
CA SER B 358 -13.01 -1.23 -33.75
C SER B 358 -12.95 -1.62 -35.23
N LEU B 359 -12.52 -2.85 -35.50
CA LEU B 359 -12.38 -3.37 -36.85
C LEU B 359 -12.76 -4.84 -36.85
N SER B 360 -13.12 -5.35 -38.02
CA SER B 360 -13.41 -6.78 -38.16
C SER B 360 -12.11 -7.56 -38.27
N ILE B 361 -12.20 -8.86 -38.00
CA ILE B 361 -11.05 -9.73 -38.18
C ILE B 361 -10.69 -9.81 -39.65
N GLU B 362 -11.69 -9.78 -40.54
CA GLU B 362 -11.40 -9.72 -41.97
C GLU B 362 -10.65 -8.44 -42.32
N GLN B 363 -11.06 -7.30 -41.74
CA GLN B 363 -10.38 -6.04 -42.02
C GLN B 363 -8.94 -6.08 -41.58
N TYR B 364 -8.67 -6.66 -40.41
CA TYR B 364 -7.29 -6.78 -39.95
C TYR B 364 -6.53 -7.83 -40.73
N GLU B 365 -7.23 -8.82 -41.27
CA GLU B 365 -6.58 -9.82 -42.12
C GLU B 365 -5.99 -9.16 -43.37
N LYS B 366 -6.75 -8.27 -44.01
CA LYS B 366 -6.25 -7.58 -45.19
C LYS B 366 -5.16 -6.58 -44.82
N ILE B 367 -5.23 -6.00 -43.62
CA ILE B 367 -4.16 -5.11 -43.17
C ILE B 367 -2.90 -5.91 -42.91
N HIS B 368 -3.04 -7.13 -42.36
CA HIS B 368 -1.87 -7.94 -42.07
C HIS B 368 -1.25 -8.51 -43.34
N GLU B 369 -2.08 -8.94 -44.30
CA GLU B 369 -1.55 -9.40 -45.58
C GLU B 369 -0.81 -8.29 -46.29
N ALA B 370 -1.42 -7.10 -46.38
CA ALA B 370 -0.78 -5.99 -47.06
C ALA B 370 0.50 -5.56 -46.35
N TYR B 371 0.55 -5.67 -45.03
CA TYR B 371 1.77 -5.33 -44.31
C TYR B 371 2.88 -6.33 -44.61
N GLN B 372 2.56 -7.63 -44.58
CA GLN B 372 3.58 -8.64 -44.81
C GLN B 372 4.04 -8.65 -46.26
N ILE B 373 3.13 -8.36 -47.20
CA ILE B 373 3.54 -8.21 -48.59
C ILE B 373 4.38 -6.94 -48.77
N LEU B 374 4.12 -5.92 -47.96
CA LEU B 374 4.91 -4.68 -48.05
C LEU B 374 6.22 -4.78 -47.27
N SER B 375 6.21 -5.48 -46.13
CA SER B 375 7.45 -5.63 -45.36
C SER B 375 8.53 -6.29 -46.20
N LYS B 376 8.28 -7.53 -46.64
CA LYS B 376 9.07 -8.09 -47.71
C LYS B 376 8.88 -7.25 -48.96
N ALA B 377 9.86 -7.32 -49.87
CA ALA B 377 9.93 -6.48 -51.07
C ALA B 377 10.27 -5.03 -50.73
N LEU B 378 10.18 -4.66 -49.45
CA LEU B 378 10.84 -3.47 -48.95
C LEU B 378 12.08 -3.79 -48.16
N LYS B 379 12.12 -4.97 -47.54
CA LYS B 379 13.28 -5.44 -46.77
C LYS B 379 14.17 -6.38 -47.57
N GLN B 380 13.60 -7.17 -48.49
CA GLN B 380 14.35 -8.18 -49.22
C GLN B 380 14.48 -7.85 -50.70
N ALA B 381 13.36 -7.74 -51.42
CA ALA B 381 13.43 -7.55 -52.86
C ALA B 381 13.77 -6.10 -53.22
N GLY B 382 13.24 -5.14 -52.47
CA GLY B 382 13.38 -3.75 -52.85
C GLY B 382 12.33 -3.37 -53.87
N LEU B 383 12.31 -2.08 -54.19
CA LEU B 383 11.37 -1.56 -55.18
C LEU B 383 11.98 -1.70 -56.57
N ALA B 384 11.25 -2.34 -57.48
CA ALA B 384 11.72 -2.45 -58.85
C ALA B 384 11.52 -1.11 -59.56
N PRO B 385 12.50 -0.71 -60.42
CA PRO B 385 12.39 0.56 -61.13
C PRO B 385 11.03 0.80 -61.75
N LEU B 386 10.58 2.06 -61.77
CA LEU B 386 9.23 2.37 -62.20
C LEU B 386 8.96 1.97 -63.64
N ASN B 387 10.00 1.83 -64.46
CA ASN B 387 9.84 1.33 -65.82
C ASN B 387 10.01 -0.18 -65.91
N SER B 388 10.64 -0.80 -64.93
CA SER B 388 10.82 -2.24 -64.93
C SER B 388 9.50 -2.96 -64.64
N LYS B 389 9.45 -4.24 -65.02
CA LYS B 389 8.22 -5.00 -64.90
C LYS B 389 7.96 -5.48 -63.47
N GLY B 390 9.01 -5.74 -62.71
CA GLY B 390 8.87 -6.24 -61.36
C GLY B 390 9.22 -7.71 -61.26
N GLU B 391 9.73 -8.11 -60.11
CA GLU B 391 10.17 -9.47 -59.85
C GLU B 391 9.30 -10.13 -58.79
N LYS B 392 9.27 -11.45 -58.81
CA LYS B 392 8.41 -12.22 -57.93
C LYS B 392 9.04 -12.37 -56.55
N LEU B 393 8.18 -12.46 -55.54
CA LEU B 393 8.62 -12.72 -54.17
C LEU B 393 7.55 -13.49 -53.43
N GLU B 394 7.98 -14.25 -52.42
CA GLU B 394 7.09 -15.07 -51.61
C GLU B 394 7.02 -14.49 -50.20
N ALA B 395 5.86 -13.93 -49.86
CA ALA B 395 5.63 -13.31 -48.56
C ALA B 395 4.70 -14.20 -47.75
N HIS B 396 5.15 -14.61 -46.56
CA HIS B 396 4.36 -15.45 -45.68
C HIS B 396 3.47 -14.57 -44.79
N VAL B 397 2.26 -15.05 -44.52
CA VAL B 397 1.40 -14.46 -43.51
C VAL B 397 1.02 -15.57 -42.53
N THR B 398 1.55 -15.49 -41.31
CA THR B 398 1.30 -16.47 -40.27
C THR B 398 0.30 -15.92 -39.28
N THR B 399 -0.77 -16.68 -39.04
CA THR B 399 -1.80 -16.33 -38.08
C THR B 399 -2.23 -17.59 -37.35
N SER B 400 -2.52 -17.44 -36.04
CA SER B 400 -2.90 -18.55 -35.21
C SER B 400 -4.32 -18.37 -34.70
N LYS B 401 -4.90 -19.47 -34.21
CA LYS B 401 -6.21 -19.46 -33.60
C LYS B 401 -6.21 -20.43 -32.42
N TYR B 402 -7.25 -20.33 -31.59
CA TYR B 402 -7.44 -21.22 -30.44
C TYR B 402 -6.28 -21.14 -29.46
N GLY B 403 -5.77 -19.93 -29.24
CA GLY B 403 -4.68 -19.75 -28.29
C GLY B 403 -5.08 -18.94 -27.08
N SER B 404 -6.36 -18.97 -26.73
CA SER B 404 -6.90 -18.18 -25.63
C SER B 404 -7.71 -19.06 -24.69
N LEU B 405 -7.70 -18.68 -23.40
CA LEU B 405 -8.42 -19.40 -22.36
C LEU B 405 -8.41 -18.60 -21.07
N ARG B 406 -9.58 -18.36 -20.48
CA ARG B 406 -9.66 -17.69 -19.19
C ARG B 406 -9.92 -18.71 -18.08
N LEU B 407 -9.33 -18.46 -16.92
CA LEU B 407 -9.51 -19.29 -15.73
C LEU B 407 -10.25 -18.49 -14.66
N SER B 408 -10.87 -19.20 -13.73
CA SER B 408 -11.61 -18.55 -12.66
C SER B 408 -11.33 -19.26 -11.34
N CYS B 409 -11.17 -18.46 -10.28
CA CYS B 409 -10.96 -18.96 -8.93
C CYS B 409 -12.05 -18.38 -8.04
N ALA B 410 -12.94 -19.23 -7.54
CA ALA B 410 -14.08 -18.80 -6.74
C ALA B 410 -13.66 -18.73 -5.28
N ALA B 411 -13.13 -17.58 -4.89
CA ALA B 411 -12.65 -17.39 -3.53
C ALA B 411 -13.81 -17.23 -2.55
N SER B 412 -13.58 -17.71 -1.33
CA SER B 412 -14.59 -17.67 -0.27
C SER B 412 -13.90 -18.02 1.05
N GLY B 413 -14.62 -17.83 2.15
CA GLY B 413 -14.10 -18.12 3.47
C GLY B 413 -13.18 -17.08 4.05
N PHE B 414 -13.00 -15.95 3.36
CA PHE B 414 -12.14 -14.87 3.83
C PHE B 414 -12.65 -13.58 3.19
N THR B 415 -12.08 -12.45 3.60
CA THR B 415 -12.54 -11.14 3.13
C THR B 415 -11.85 -10.88 1.80
N PHE B 416 -12.42 -11.46 0.74
CA PHE B 416 -11.81 -11.40 -0.59
C PHE B 416 -11.57 -9.98 -1.06
N ARG B 417 -12.40 -9.04 -0.62
CA ARG B 417 -12.32 -7.69 -1.17
C ARG B 417 -11.07 -6.94 -0.73
N SER B 418 -10.51 -7.28 0.43
CA SER B 418 -9.34 -6.57 0.96
C SER B 418 -8.09 -7.44 0.97
N PHE B 419 -8.01 -8.40 0.05
CA PHE B 419 -6.85 -9.29 -0.04
C PHE B 419 -6.35 -9.32 -1.46
N GLY B 420 -5.08 -8.96 -1.66
CA GLY B 420 -4.47 -9.05 -2.97
C GLY B 420 -4.29 -10.50 -3.37
N MET B 421 -4.94 -10.91 -4.45
CA MET B 421 -4.87 -12.30 -4.91
C MET B 421 -3.75 -12.46 -5.93
N SER B 422 -3.52 -13.71 -6.34
CA SER B 422 -2.48 -14.02 -7.31
C SER B 422 -2.74 -15.41 -7.88
N TRP B 423 -2.12 -15.66 -9.04
CA TRP B 423 -2.14 -16.95 -9.69
C TRP B 423 -0.73 -17.54 -9.68
N VAL B 424 -0.65 -18.86 -9.47
CA VAL B 424 0.60 -19.60 -9.55
C VAL B 424 0.35 -20.88 -10.32
N ARG B 425 1.39 -21.38 -10.99
CA ARG B 425 1.32 -22.61 -11.76
C ARG B 425 2.50 -23.50 -11.38
N GLN B 426 2.27 -24.82 -11.43
CA GLN B 426 3.27 -25.79 -10.95
C GLN B 426 4.21 -26.22 -12.07
N ALA B 427 3.67 -26.98 -13.05
CA ALA B 427 4.40 -27.67 -14.12
C ALA B 427 5.21 -28.82 -13.52
N PRO B 428 5.45 -29.89 -14.28
CA PRO B 428 6.06 -31.09 -13.70
C PRO B 428 7.51 -30.87 -13.30
N GLY B 429 7.82 -31.22 -12.06
CA GLY B 429 9.18 -31.13 -11.56
C GLY B 429 9.64 -29.74 -11.18
N LYS B 430 9.32 -28.76 -12.02
CA LYS B 430 9.75 -27.39 -11.81
C LYS B 430 9.08 -26.81 -10.55
N GLU B 431 9.81 -25.94 -9.85
CA GLU B 431 9.27 -25.30 -8.67
C GLU B 431 8.08 -24.42 -9.04
N PRO B 432 7.21 -24.12 -8.07
CA PRO B 432 6.05 -23.26 -8.37
C PRO B 432 6.48 -21.91 -8.92
N GLU B 433 5.83 -21.49 -10.00
CA GLU B 433 6.15 -20.25 -10.70
C GLU B 433 4.96 -19.31 -10.59
N TRP B 434 5.16 -18.19 -9.91
CA TRP B 434 4.13 -17.16 -9.83
C TRP B 434 3.97 -16.50 -11.21
N VAL B 435 2.74 -16.46 -11.71
CA VAL B 435 2.47 -15.89 -13.03
C VAL B 435 1.96 -14.46 -12.93
N SER B 436 1.00 -14.20 -12.04
CA SER B 436 0.44 -12.86 -11.96
C SER B 436 -0.16 -12.65 -10.58
N SER B 437 -0.39 -11.37 -10.25
CA SER B 437 -0.94 -10.98 -8.96
C SER B 437 -1.71 -9.68 -9.13
N ILE B 438 -2.78 -9.54 -8.34
CA ILE B 438 -3.63 -8.36 -8.38
C ILE B 438 -3.83 -7.84 -6.97
N SER B 439 -4.16 -6.54 -6.86
CA SER B 439 -4.39 -5.92 -5.57
C SER B 439 -5.83 -6.16 -5.12
N GLY B 440 -6.15 -5.65 -3.93
CA GLY B 440 -7.49 -5.86 -3.40
C GLY B 440 -8.56 -5.17 -4.21
N SER B 441 -8.30 -3.93 -4.64
CA SER B 441 -9.25 -3.20 -5.45
C SER B 441 -9.20 -3.60 -6.92
N GLY B 442 -8.12 -4.26 -7.35
CA GLY B 442 -7.97 -4.64 -8.74
C GLY B 442 -7.26 -3.64 -9.61
N SER B 443 -6.86 -2.49 -9.06
CA SER B 443 -6.17 -1.49 -9.87
C SER B 443 -4.72 -1.85 -10.12
N ASP B 444 -4.06 -2.46 -9.15
CA ASP B 444 -2.66 -2.85 -9.28
C ASP B 444 -2.56 -4.28 -9.79
N THR B 445 -1.82 -4.48 -10.87
CA THR B 445 -1.63 -5.80 -11.47
C THR B 445 -0.15 -6.03 -11.72
N LEU B 446 0.34 -7.19 -11.30
CA LEU B 446 1.73 -7.58 -11.50
C LEU B 446 1.77 -8.88 -12.30
N TYR B 447 2.73 -8.96 -13.23
CA TYR B 447 2.89 -10.14 -14.07
C TYR B 447 4.36 -10.51 -14.16
N ALA B 448 4.61 -11.81 -14.27
CA ALA B 448 5.97 -12.29 -14.44
C ALA B 448 6.47 -11.99 -15.86
N ASP B 449 7.79 -12.04 -16.01
CA ASP B 449 8.39 -11.70 -17.31
C ASP B 449 7.99 -12.72 -18.38
N SER B 450 7.94 -14.00 -18.03
CA SER B 450 7.56 -15.02 -18.99
C SER B 450 6.11 -14.86 -19.43
N VAL B 451 5.25 -14.41 -18.52
CA VAL B 451 3.83 -14.25 -18.83
C VAL B 451 3.54 -12.87 -19.44
N LYS B 452 4.36 -11.88 -19.11
CA LYS B 452 4.14 -10.50 -19.53
C LYS B 452 3.88 -10.39 -21.03
N GLY B 453 2.71 -9.84 -21.38
CA GLY B 453 2.33 -9.66 -22.77
C GLY B 453 1.21 -10.56 -23.23
N ARG B 454 0.93 -11.64 -22.52
CA ARG B 454 -0.08 -12.60 -22.94
C ARG B 454 -1.24 -12.71 -21.97
N PHE B 455 -0.98 -12.98 -20.69
CA PHE B 455 -2.07 -13.19 -19.75
C PHE B 455 -2.43 -11.88 -19.04
N THR B 456 -3.65 -11.85 -18.49
CA THR B 456 -4.19 -10.66 -17.85
C THR B 456 -5.04 -11.09 -16.66
N ILE B 457 -4.62 -10.66 -15.47
CA ILE B 457 -5.34 -11.00 -14.24
C ILE B 457 -6.48 -10.01 -14.04
N SER B 458 -7.58 -10.49 -13.47
CA SER B 458 -8.77 -9.67 -13.27
C SER B 458 -9.62 -10.31 -12.19
N ARG B 459 -9.85 -9.57 -11.11
CA ARG B 459 -10.69 -10.03 -10.02
C ARG B 459 -12.09 -9.44 -10.14
N ASP B 460 -13.02 -10.02 -9.37
CA ASP B 460 -14.39 -9.52 -9.28
C ASP B 460 -14.73 -9.45 -7.80
N ASN B 461 -14.62 -8.25 -7.22
CA ASN B 461 -14.81 -8.10 -5.78
C ASN B 461 -16.24 -8.48 -5.38
N ALA B 462 -17.23 -8.04 -6.14
CA ALA B 462 -18.55 -8.62 -6.02
C ALA B 462 -18.53 -10.01 -6.66
N LYS B 463 -19.28 -10.94 -6.06
CA LYS B 463 -19.33 -12.36 -6.44
C LYS B 463 -18.03 -13.08 -6.11
N THR B 464 -16.98 -12.32 -5.77
CA THR B 464 -15.71 -12.83 -5.23
C THR B 464 -15.15 -13.96 -6.09
N THR B 465 -14.77 -13.60 -7.30
CA THR B 465 -14.17 -14.55 -8.23
C THR B 465 -12.98 -13.90 -8.91
N LEU B 466 -11.84 -14.58 -8.86
CA LEU B 466 -10.60 -14.11 -9.48
C LEU B 466 -10.43 -14.83 -10.82
N TYR B 467 -10.18 -14.05 -11.88
CA TYR B 467 -10.00 -14.61 -13.21
C TYR B 467 -8.58 -14.37 -13.73
N LEU B 468 -8.14 -15.27 -14.61
CA LEU B 468 -6.89 -15.13 -15.34
C LEU B 468 -7.16 -15.42 -16.80
N GLN B 469 -7.08 -14.39 -17.64
CA GLN B 469 -7.35 -14.51 -19.07
C GLN B 469 -6.04 -14.70 -19.80
N MET B 470 -5.82 -15.90 -20.34
CA MET B 470 -4.62 -16.21 -21.10
C MET B 470 -4.89 -16.08 -22.59
N ASN B 471 -3.94 -15.47 -23.30
CA ASN B 471 -3.99 -15.35 -24.75
C ASN B 471 -2.62 -15.65 -25.32
N SER B 472 -2.59 -16.03 -26.60
CA SER B 472 -1.36 -16.38 -27.32
C SER B 472 -0.43 -17.23 -26.45
N LEU B 473 -0.96 -18.37 -26.03
CA LEU B 473 -0.26 -19.25 -25.10
C LEU B 473 0.45 -20.37 -25.86
N LYS B 474 1.70 -20.62 -25.48
CA LYS B 474 2.59 -21.58 -26.11
C LYS B 474 2.52 -22.93 -25.40
N PRO B 475 2.98 -24.01 -26.04
CA PRO B 475 3.01 -25.31 -25.36
C PRO B 475 3.78 -25.30 -24.05
N GLU B 476 4.68 -24.34 -23.84
CA GLU B 476 5.43 -24.21 -22.60
C GLU B 476 4.60 -23.63 -21.47
N ASP B 477 3.30 -23.46 -21.66
CA ASP B 477 2.40 -23.04 -20.60
C ASP B 477 1.70 -24.21 -19.93
N THR B 478 1.99 -25.44 -20.36
CA THR B 478 1.46 -26.64 -19.72
C THR B 478 1.82 -26.66 -18.25
N ALA B 479 0.83 -26.43 -17.39
CA ALA B 479 1.05 -26.41 -15.94
C ALA B 479 -0.28 -26.40 -15.22
N VAL B 480 -0.34 -26.95 -14.01
CA VAL B 480 -1.55 -26.86 -13.21
C VAL B 480 -1.57 -25.49 -12.56
N TYR B 481 -2.68 -24.78 -12.67
CA TYR B 481 -2.77 -23.39 -12.24
C TYR B 481 -3.63 -23.30 -10.99
N TYR B 482 -3.12 -22.62 -9.96
CA TYR B 482 -3.88 -22.39 -8.74
C TYR B 482 -3.81 -20.92 -8.38
N CYS B 483 -4.92 -20.40 -7.85
CA CYS B 483 -4.96 -19.05 -7.34
C CYS B 483 -4.63 -19.05 -5.85
N THR B 484 -4.13 -17.91 -5.36
CA THR B 484 -3.55 -17.88 -4.02
C THR B 484 -3.57 -16.45 -3.49
N ILE B 485 -3.61 -16.34 -2.16
CA ILE B 485 -3.69 -15.05 -1.47
C ILE B 485 -2.26 -14.65 -1.13
N GLY B 486 -1.65 -13.85 -2.00
CA GLY B 486 -0.27 -13.42 -1.80
C GLY B 486 0.69 -14.15 -2.71
N GLY B 487 0.74 -15.47 -2.59
CA GLY B 487 1.56 -16.28 -3.45
C GLY B 487 2.24 -17.50 -2.84
N SER B 488 3.45 -17.77 -3.32
CA SER B 488 4.23 -18.93 -2.87
C SER B 488 3.70 -20.34 -3.05
N LEU B 489 3.21 -20.93 -1.96
CA LEU B 489 2.71 -22.31 -1.91
C LEU B 489 1.25 -22.39 -2.37
N SER B 490 0.67 -23.60 -2.26
CA SER B 490 -0.72 -23.81 -2.75
C SER B 490 -1.59 -24.41 -1.64
N ARG B 491 -2.91 -24.16 -1.70
CA ARG B 491 -3.85 -24.75 -0.71
C ARG B 491 -5.18 -24.96 -1.43
N SER B 492 -5.15 -25.53 -2.64
CA SER B 492 -6.40 -25.65 -3.43
C SER B 492 -6.35 -26.84 -4.38
N SER B 493 -7.44 -27.07 -5.13
CA SER B 493 -7.51 -28.16 -6.09
C SER B 493 -7.04 -27.74 -7.48
N GLN B 494 -6.45 -26.55 -7.59
CA GLN B 494 -5.81 -26.01 -8.79
C GLN B 494 -6.59 -26.19 -10.10
N GLY B 495 -5.91 -25.97 -11.23
CA GLY B 495 -6.52 -26.02 -12.55
C GLY B 495 -6.05 -27.20 -13.38
N THR B 496 -5.91 -27.05 -14.71
CA THR B 496 -5.52 -28.16 -15.57
C THR B 496 -4.33 -27.75 -16.44
N GLN B 497 -3.59 -28.76 -16.98
CA GLN B 497 -2.24 -28.55 -17.53
C GLN B 497 -2.08 -29.19 -18.92
N VAL B 498 -2.66 -28.63 -19.98
CA VAL B 498 -2.37 -29.14 -21.32
C VAL B 498 -2.36 -28.01 -22.34
N THR B 499 -1.37 -28.05 -23.24
CA THR B 499 -1.27 -27.13 -24.37
C THR B 499 -0.53 -27.82 -25.51
N VAL B 500 -1.11 -27.81 -26.70
CA VAL B 500 -0.56 -28.45 -27.88
C VAL B 500 -0.65 -27.48 -29.05
N SER B 501 0.43 -27.37 -29.82
CA SER B 501 0.50 -26.46 -30.95
C SER B 501 0.67 -27.24 -32.25
N SER B 502 -0.10 -26.86 -33.27
CA SER B 502 -0.01 -27.45 -34.61
C SER B 502 0.16 -26.33 -35.62
N HIS B 503 1.05 -26.56 -36.59
CA HIS B 503 1.40 -25.55 -37.58
C HIS B 503 1.15 -26.09 -38.98
N HIS B 504 0.63 -25.23 -39.86
CA HIS B 504 0.32 -25.60 -41.24
C HIS B 504 0.92 -24.58 -42.19
N HIS B 505 1.55 -25.06 -43.25
CA HIS B 505 2.20 -24.21 -44.25
C HIS B 505 1.41 -24.33 -45.55
N HIS B 506 0.31 -23.60 -45.63
CA HIS B 506 -0.49 -23.54 -46.85
C HIS B 506 0.19 -22.65 -47.88
N HIS B 507 0.00 -22.98 -49.15
CA HIS B 507 0.57 -22.16 -50.22
C HIS B 507 -0.54 -21.43 -50.97
#